data_2XVQ
#
_entry.id   2XVQ
#
_cell.length_a   55.485
_cell.length_b   55.355
_cell.length_c   120.738
_cell.angle_alpha   81.15
_cell.angle_beta   90.21
_cell.angle_gamma   65.01
#
_symmetry.space_group_name_H-M   'P 1'
#
loop_
_entity.id
_entity.type
_entity.pdbx_description
1 polymer 'SERUM ALBUMIN'
2 non-polymer DANSYL-L-SARCOSINE
#
_entity_poly.entity_id   1
_entity_poly.type   'polypeptide(L)'
_entity_poly.pdbx_seq_one_letter_code
;DAHKSEVAHRFKDLGEENFKALVLIAFAQYLQQCPFEDHVKLVNEVTEFAKTCVADESAENCDKSLHTLFGDKLCTVATL
RETYGEMADCCAKQEPERNECFLQHKDDNPNLPRLVRPEVDVMCTAFHDNEETFLKKYLYEIARRHPYFYAPELLFFAKR
YKAAFTECCQAADKAACLLPKLDELRDEGKASSAKQRLKCASLQKFGERAFKAWAVARLSQRFPKAEFAEVSKLVTDLTK
VHTECCHGDLLECADDRADLAKYICENQDSISSKLKECCEKPLLEKSHCIAEVENDEMPADLPSLAADFVESKDVCKNYA
EAKDVFLGMFLYEYARRHPDYSVVLLLRLAKTYETTLEKCCAAADPHECYAKVFDEFKPLVEEPQNLIKQNCELFEQLGE
YKFQNALLVRYTKKVPQVSTPTLVEVSRNLGKVGSKCCKHPEAKRMPCAEDYLSVVLNQLCVLHEKTPVSDRVTKCCTES
LVNRRPCFSALEVDETYVPKEFNAETFTFHADICTLSEKERQIKKQTALVELVKHKPKATKEQLKAVMDDFAAFVEKCCK
ADDKETCFAEEGKKLVAASQAALGL
;
_entity_poly.pdbx_strand_id   A,B
#
loop_
_chem_comp.id
_chem_comp.type
_chem_comp.name
_chem_comp.formula
9DS non-polymer DANSYL-L-SARCOSINE 'C15 H18 N2 O4 S'
#
# COMPACT_ATOMS: atom_id res chain seq x y z
N SER A 5 43.34 -0.34 -29.93
CA SER A 5 42.14 -1.22 -30.04
C SER A 5 40.86 -0.42 -29.94
N GLU A 6 40.10 -0.38 -31.02
CA GLU A 6 38.85 0.38 -31.04
C GLU A 6 37.79 -0.30 -30.20
N VAL A 7 37.60 -1.60 -30.39
CA VAL A 7 36.59 -2.34 -29.62
C VAL A 7 36.71 -2.13 -28.12
N ALA A 8 37.94 -2.24 -27.63
CA ALA A 8 38.23 -2.07 -26.22
C ALA A 8 37.79 -0.68 -25.75
N HIS A 9 38.22 0.32 -26.51
CA HIS A 9 37.92 1.73 -26.23
C HIS A 9 36.45 1.89 -25.89
N ARG A 10 35.61 1.66 -26.90
CA ARG A 10 34.16 1.78 -26.76
C ARG A 10 33.60 0.98 -25.59
N PHE A 11 34.10 -0.25 -25.45
CA PHE A 11 33.66 -1.17 -24.39
C PHE A 11 33.74 -0.54 -23.00
N LYS A 12 34.93 -0.10 -22.62
CA LYS A 12 35.10 0.54 -21.31
C LYS A 12 34.11 1.71 -21.16
N ASP A 13 33.96 2.48 -22.23
CA ASP A 13 33.07 3.65 -22.26
C ASP A 13 31.60 3.33 -22.06
N LEU A 14 31.11 2.33 -22.78
CA LEU A 14 29.70 1.97 -22.71
C LEU A 14 29.38 0.93 -21.66
N GLY A 15 30.37 0.11 -21.31
CA GLY A 15 30.15 -0.94 -20.32
C GLY A 15 29.68 -2.15 -21.08
N GLU A 16 29.44 -3.26 -20.38
CA GLU A 16 29.04 -4.49 -21.04
C GLU A 16 27.58 -4.53 -21.46
N GLU A 17 26.70 -4.08 -20.56
CA GLU A 17 25.26 -4.10 -20.83
C GLU A 17 24.88 -3.31 -22.11
N ASN A 18 25.38 -2.09 -22.24
CA ASN A 18 25.08 -1.27 -23.40
C ASN A 18 25.82 -1.74 -24.65
N PHE A 19 27.10 -2.11 -24.48
CA PHE A 19 27.92 -2.59 -25.59
C PHE A 19 27.24 -3.77 -26.27
N LYS A 20 26.73 -4.70 -25.47
CA LYS A 20 26.09 -5.87 -26.02
C LYS A 20 24.80 -5.49 -26.74
N ALA A 21 24.02 -4.60 -26.13
CA ALA A 21 22.76 -4.19 -26.73
C ALA A 21 23.01 -3.47 -28.06
N LEU A 22 23.87 -2.46 -28.04
CA LEU A 22 24.19 -1.72 -29.25
C LEU A 22 24.68 -2.61 -30.40
N VAL A 23 25.36 -3.71 -30.09
CA VAL A 23 25.86 -4.58 -31.17
C VAL A 23 24.76 -5.49 -31.71
N LEU A 24 23.80 -5.85 -30.86
CA LEU A 24 22.71 -6.70 -31.30
C LEU A 24 21.83 -5.90 -32.26
N ILE A 25 21.68 -4.60 -31.98
CA ILE A 25 20.88 -3.71 -32.82
C ILE A 25 21.50 -3.53 -34.18
N ALA A 26 22.81 -3.38 -34.21
CA ALA A 26 23.56 -3.21 -35.43
C ALA A 26 23.45 -4.44 -36.33
N PHE A 27 23.39 -5.61 -35.71
CA PHE A 27 23.29 -6.85 -36.46
C PHE A 27 21.87 -7.06 -36.98
N ALA A 28 20.87 -6.76 -36.16
CA ALA A 28 19.47 -6.90 -36.54
C ALA A 28 19.10 -5.94 -37.67
N GLN A 29 19.73 -4.77 -37.65
CA GLN A 29 19.48 -3.71 -38.63
C GLN A 29 20.22 -3.96 -39.95
N TYR A 30 21.29 -4.74 -39.92
CA TYR A 30 22.03 -5.04 -41.15
C TYR A 30 21.39 -6.22 -41.88
N LEU A 31 21.29 -7.35 -41.20
CA LEU A 31 20.68 -8.53 -41.77
C LEU A 31 19.35 -8.70 -41.06
N GLN A 32 18.29 -8.13 -41.64
CA GLN A 32 16.97 -8.17 -41.02
C GLN A 32 16.22 -9.47 -41.15
N GLN A 33 16.74 -10.39 -41.94
CA GLN A 33 16.04 -11.64 -42.16
C GLN A 33 16.52 -12.72 -41.18
N CYS A 34 17.84 -12.80 -40.95
CA CYS A 34 18.39 -13.78 -40.04
C CYS A 34 17.67 -13.85 -38.70
N PRO A 35 17.49 -15.08 -38.16
CA PRO A 35 16.82 -15.36 -36.88
C PRO A 35 17.50 -14.74 -35.67
N PHE A 36 16.79 -14.76 -34.55
CA PHE A 36 17.28 -14.21 -33.31
C PHE A 36 18.52 -14.93 -32.77
N GLU A 37 18.53 -16.26 -32.99
CA GLU A 37 19.56 -17.15 -32.47
C GLU A 37 20.93 -16.79 -32.97
N ASP A 38 21.01 -16.71 -34.29
CA ASP A 38 22.25 -16.38 -34.96
C ASP A 38 22.86 -15.05 -34.51
N HIS A 39 22.03 -14.03 -34.33
CA HIS A 39 22.55 -12.74 -33.91
C HIS A 39 23.05 -12.87 -32.47
N VAL A 40 22.24 -13.52 -31.62
CA VAL A 40 22.63 -13.73 -30.24
C VAL A 40 23.98 -14.44 -30.18
N LYS A 41 24.17 -15.40 -31.08
CA LYS A 41 25.41 -16.16 -31.18
C LYS A 41 26.62 -15.29 -31.55
N LEU A 42 26.46 -14.48 -32.59
CA LEU A 42 27.51 -13.59 -33.08
C LEU A 42 27.82 -12.45 -32.11
N VAL A 43 26.80 -11.98 -31.38
CA VAL A 43 26.98 -10.92 -30.41
C VAL A 43 27.92 -11.40 -29.31
N ASN A 44 27.60 -12.56 -28.72
CA ASN A 44 28.40 -13.18 -27.67
C ASN A 44 29.83 -13.39 -28.13
N GLU A 45 29.97 -14.10 -29.25
CA GLU A 45 31.29 -14.34 -29.80
C GLU A 45 32.10 -13.03 -29.86
N VAL A 46 31.48 -12.00 -30.41
CA VAL A 46 32.13 -10.70 -30.53
C VAL A 46 32.43 -10.06 -29.18
N THR A 47 31.45 -10.06 -28.27
CA THR A 47 31.64 -9.46 -26.96
C THR A 47 32.78 -10.16 -26.20
N GLU A 48 32.86 -11.49 -26.32
CA GLU A 48 33.93 -12.21 -25.64
C GLU A 48 35.26 -11.71 -26.18
N PHE A 49 35.36 -11.62 -27.50
CA PHE A 49 36.59 -11.15 -28.17
C PHE A 49 37.00 -9.80 -27.60
N ALA A 50 36.02 -8.93 -27.38
CA ALA A 50 36.26 -7.60 -26.83
C ALA A 50 36.92 -7.68 -25.45
N LYS A 51 36.43 -8.62 -24.64
CA LYS A 51 36.94 -8.82 -23.29
C LYS A 51 38.44 -9.13 -23.31
N THR A 52 38.86 -9.98 -24.24
CA THR A 52 40.27 -10.34 -24.35
C THR A 52 41.11 -9.16 -24.85
N CYS A 53 40.46 -8.18 -25.45
CA CYS A 53 41.16 -6.99 -25.97
C CYS A 53 41.40 -5.94 -24.88
N VAL A 54 40.44 -5.81 -23.97
CA VAL A 54 40.58 -4.85 -22.88
C VAL A 54 41.87 -5.16 -22.13
N ALA A 55 42.12 -6.45 -21.94
CA ALA A 55 43.33 -6.91 -21.25
C ALA A 55 44.54 -6.72 -22.15
N ASP A 56 44.66 -7.57 -23.16
CA ASP A 56 45.78 -7.53 -24.12
C ASP A 56 45.42 -6.70 -25.35
N GLU A 57 45.54 -5.38 -25.24
CA GLU A 57 45.20 -4.46 -26.31
C GLU A 57 46.07 -4.64 -27.56
N SER A 58 46.37 -5.89 -27.88
CA SER A 58 47.19 -6.24 -29.05
C SER A 58 47.09 -7.74 -29.33
N ALA A 59 46.09 -8.37 -28.74
CA ALA A 59 45.86 -9.81 -28.91
C ALA A 59 45.67 -10.20 -30.37
N GLU A 60 44.51 -10.79 -30.65
CA GLU A 60 44.17 -11.25 -32.00
C GLU A 60 44.22 -10.13 -33.03
N ASN A 61 43.08 -9.49 -33.26
CA ASN A 61 42.99 -8.41 -34.22
C ASN A 61 42.35 -7.21 -33.55
N CYS A 62 42.72 -6.95 -32.30
CA CYS A 62 42.16 -5.82 -31.56
C CYS A 62 42.54 -4.48 -32.19
N ASP A 63 43.43 -4.54 -33.17
CA ASP A 63 43.90 -3.35 -33.87
C ASP A 63 42.88 -2.88 -34.90
N LYS A 64 42.30 -3.83 -35.63
CA LYS A 64 41.33 -3.54 -36.68
C LYS A 64 40.19 -2.60 -36.30
N SER A 65 39.49 -2.11 -37.33
CA SER A 65 38.36 -1.19 -37.19
C SER A 65 37.07 -1.95 -36.89
N LEU A 66 36.12 -1.27 -36.26
CA LEU A 66 34.85 -1.88 -35.92
C LEU A 66 34.19 -2.51 -37.12
N HIS A 67 34.11 -1.79 -38.23
CA HIS A 67 33.48 -2.34 -39.43
C HIS A 67 34.04 -3.69 -39.87
N THR A 68 35.36 -3.78 -40.03
CA THR A 68 35.97 -5.04 -40.45
C THR A 68 35.49 -6.20 -39.58
N LEU A 69 35.69 -6.09 -38.28
CA LEU A 69 35.27 -7.14 -37.36
C LEU A 69 33.79 -7.47 -37.51
N PHE A 70 32.96 -6.44 -37.45
CA PHE A 70 31.52 -6.61 -37.59
C PHE A 70 31.16 -7.24 -38.92
N GLY A 71 31.83 -6.78 -39.97
CA GLY A 71 31.56 -7.30 -41.30
C GLY A 71 31.87 -8.77 -41.45
N ASP A 72 33.05 -9.17 -40.98
CA ASP A 72 33.50 -10.56 -41.06
C ASP A 72 32.58 -11.47 -40.25
N LYS A 73 32.10 -10.97 -39.11
CA LYS A 73 31.23 -11.74 -38.23
C LYS A 73 29.84 -12.06 -38.80
N LEU A 74 29.35 -11.19 -39.69
CA LEU A 74 28.04 -11.38 -40.32
C LEU A 74 28.23 -12.23 -41.56
N CYS A 75 29.39 -12.06 -42.18
CA CYS A 75 29.72 -12.78 -43.38
C CYS A 75 29.87 -14.28 -43.14
N THR A 76 29.66 -14.69 -41.90
CA THR A 76 29.76 -16.10 -41.56
C THR A 76 28.35 -16.66 -41.49
N VAL A 77 27.38 -15.89 -41.98
CA VAL A 77 25.98 -16.32 -41.97
C VAL A 77 25.12 -15.75 -43.10
N ALA A 78 25.75 -15.10 -44.08
CA ALA A 78 25.02 -14.51 -45.21
C ALA A 78 24.92 -15.46 -46.40
N ALA A 88 25.73 -12.24 -50.29
CA ALA A 88 27.06 -12.82 -50.51
C ALA A 88 27.97 -11.83 -51.26
N ASP A 89 27.42 -11.23 -52.32
CA ASP A 89 28.14 -10.27 -53.15
C ASP A 89 28.78 -9.22 -52.26
N CYS A 90 28.04 -8.80 -51.24
CA CYS A 90 28.53 -7.81 -50.30
C CYS A 90 29.79 -8.31 -49.62
N CYS A 91 29.72 -9.51 -49.07
CA CYS A 91 30.85 -10.11 -48.38
C CYS A 91 32.02 -10.39 -49.32
N ALA A 92 31.75 -10.27 -50.62
CA ALA A 92 32.77 -10.47 -51.64
C ALA A 92 33.67 -9.24 -51.68
N LYS A 93 33.11 -8.08 -51.36
CA LYS A 93 33.88 -6.84 -51.35
C LYS A 93 34.77 -6.71 -50.11
N GLN A 94 35.44 -5.57 -49.97
CA GLN A 94 36.32 -5.35 -48.83
C GLN A 94 35.98 -4.07 -48.08
N GLU A 95 36.69 -3.87 -46.97
CA GLU A 95 36.53 -2.73 -46.06
C GLU A 95 35.45 -1.68 -46.36
N PRO A 96 35.76 -0.64 -47.17
CA PRO A 96 34.72 0.36 -47.43
C PRO A 96 33.53 -0.14 -48.23
N GLU A 97 33.80 -0.58 -49.46
CA GLU A 97 32.74 -1.07 -50.33
C GLU A 97 31.86 -2.08 -49.61
N ARG A 98 32.48 -2.98 -48.86
CA ARG A 98 31.74 -4.00 -48.13
C ARG A 98 30.69 -3.39 -47.20
N ASN A 99 31.09 -2.37 -46.44
CA ASN A 99 30.20 -1.71 -45.50
C ASN A 99 29.09 -0.90 -46.18
N GLU A 100 29.46 -0.13 -47.20
CA GLU A 100 28.47 0.65 -47.93
C GLU A 100 27.46 -0.33 -48.50
N CYS A 101 27.95 -1.44 -49.04
CA CYS A 101 27.10 -2.47 -49.60
C CYS A 101 25.92 -2.69 -48.66
N PHE A 102 26.21 -3.19 -47.46
CA PHE A 102 25.19 -3.44 -46.45
C PHE A 102 24.24 -2.26 -46.28
N LEU A 103 24.81 -1.07 -46.08
CA LEU A 103 23.98 0.12 -45.90
C LEU A 103 22.96 0.31 -47.00
N GLN A 104 23.35 -0.01 -48.23
CA GLN A 104 22.47 0.14 -49.38
C GLN A 104 21.46 -0.98 -49.51
N HIS A 105 21.55 -2.01 -48.65
CA HIS A 105 20.61 -3.13 -48.71
C HIS A 105 19.56 -3.15 -47.61
N LYS A 106 19.70 -2.25 -46.64
CA LYS A 106 18.71 -2.17 -45.57
C LYS A 106 17.37 -2.08 -46.30
N ASP A 107 16.34 -2.61 -45.68
CA ASP A 107 15.04 -2.57 -46.32
C ASP A 107 14.11 -1.81 -45.41
N ASP A 108 13.55 -0.73 -45.93
CA ASP A 108 12.64 0.12 -45.17
C ASP A 108 11.25 -0.52 -45.00
N ASN A 109 10.98 -1.52 -45.83
CA ASN A 109 9.71 -2.22 -45.78
C ASN A 109 9.97 -3.72 -45.86
N PRO A 110 10.73 -4.25 -44.90
CA PRO A 110 10.99 -5.69 -44.97
C PRO A 110 9.71 -6.49 -44.95
N ASN A 111 9.71 -7.60 -45.66
CA ASN A 111 8.56 -8.47 -45.75
C ASN A 111 8.48 -9.37 -44.53
N LEU A 112 8.30 -8.77 -43.36
CA LEU A 112 8.24 -9.57 -42.13
C LEU A 112 6.81 -9.82 -41.65
N PRO A 113 6.61 -10.93 -40.91
CA PRO A 113 5.30 -11.30 -40.38
C PRO A 113 4.84 -10.25 -39.39
N ARG A 114 3.58 -9.83 -39.49
CA ARG A 114 3.07 -8.86 -38.53
C ARG A 114 3.52 -9.40 -37.17
N LEU A 115 3.68 -8.53 -36.18
CA LEU A 115 4.09 -8.97 -34.86
C LEU A 115 2.89 -8.97 -33.91
N VAL A 116 2.47 -10.17 -33.51
CA VAL A 116 1.33 -10.33 -32.61
C VAL A 116 1.82 -10.56 -31.18
N ARG A 117 1.09 -10.04 -30.19
CA ARG A 117 1.48 -10.20 -28.80
C ARG A 117 0.62 -11.17 -28.00
N PRO A 118 1.23 -12.26 -27.50
CA PRO A 118 0.51 -13.27 -26.72
C PRO A 118 -0.18 -12.66 -25.49
N GLU A 119 -1.03 -13.46 -24.84
CA GLU A 119 -1.75 -13.02 -23.66
C GLU A 119 -0.82 -12.53 -22.55
N VAL A 120 -1.30 -11.55 -21.79
CA VAL A 120 -0.54 -10.97 -20.69
C VAL A 120 0.16 -12.05 -19.83
N ASP A 121 -0.56 -13.12 -19.55
CA ASP A 121 -0.02 -14.20 -18.74
C ASP A 121 1.28 -14.78 -19.29
N VAL A 122 1.31 -15.08 -20.58
CA VAL A 122 2.50 -15.66 -21.20
C VAL A 122 3.70 -14.72 -21.25
N MET A 123 3.44 -13.41 -21.35
CA MET A 123 4.53 -12.44 -21.40
C MET A 123 5.20 -12.28 -20.04
N CYS A 124 4.39 -12.18 -18.99
CA CYS A 124 4.93 -12.04 -17.66
C CYS A 124 5.76 -13.25 -17.22
N THR A 125 5.35 -14.44 -17.64
CA THR A 125 6.08 -15.66 -17.30
C THR A 125 7.43 -15.67 -18.00
N ALA A 126 7.43 -15.31 -19.28
CA ALA A 126 8.64 -15.27 -20.10
C ALA A 126 9.59 -14.19 -19.58
N PHE A 127 9.00 -13.08 -19.15
CA PHE A 127 9.76 -11.95 -18.61
C PHE A 127 10.43 -12.27 -17.27
N HIS A 128 9.65 -12.83 -16.34
CA HIS A 128 10.15 -13.20 -15.03
C HIS A 128 11.19 -14.31 -15.12
N ASP A 129 10.89 -15.34 -15.91
CA ASP A 129 11.77 -16.48 -16.09
C ASP A 129 13.14 -15.99 -16.52
N ASN A 130 13.26 -15.62 -17.79
CA ASN A 130 14.51 -15.11 -18.33
C ASN A 130 14.22 -13.67 -18.75
N GLU A 131 14.83 -12.73 -18.05
CA GLU A 131 14.65 -11.31 -18.28
C GLU A 131 15.52 -10.76 -19.41
N GLU A 132 16.81 -11.08 -19.37
CA GLU A 132 17.75 -10.60 -20.38
C GLU A 132 17.29 -11.05 -21.76
N THR A 133 16.80 -12.28 -21.84
CA THR A 133 16.34 -12.78 -23.13
C THR A 133 15.12 -11.99 -23.57
N PHE A 134 14.12 -11.92 -22.71
CA PHE A 134 12.88 -11.21 -23.01
C PHE A 134 13.09 -9.80 -23.56
N LEU A 135 14.17 -9.13 -23.17
CA LEU A 135 14.44 -7.79 -23.65
C LEU A 135 15.24 -7.80 -24.95
N LYS A 136 16.23 -8.69 -25.02
CA LYS A 136 17.03 -8.80 -26.21
C LYS A 136 16.11 -9.06 -27.40
N LYS A 137 15.12 -9.93 -27.22
CA LYS A 137 14.18 -10.24 -28.30
C LYS A 137 13.43 -8.97 -28.69
N TYR A 138 13.08 -8.15 -27.71
CA TYR A 138 12.38 -6.90 -27.99
C TYR A 138 13.26 -6.07 -28.91
N LEU A 139 14.49 -5.81 -28.48
CA LEU A 139 15.41 -5.02 -29.29
C LEU A 139 15.49 -5.57 -30.71
N TYR A 140 15.64 -6.88 -30.80
CA TYR A 140 15.73 -7.56 -32.09
C TYR A 140 14.53 -7.34 -33.03
N GLU A 141 13.31 -7.50 -32.51
CA GLU A 141 12.13 -7.34 -33.34
C GLU A 141 11.92 -5.90 -33.80
N ILE A 142 12.44 -4.93 -33.05
CA ILE A 142 12.29 -3.54 -33.46
C ILE A 142 13.39 -3.10 -34.41
N ALA A 143 14.64 -3.37 -34.06
CA ALA A 143 15.76 -3.00 -34.90
C ALA A 143 15.72 -3.62 -36.30
N ARG A 144 15.03 -4.75 -36.46
CA ARG A 144 14.95 -5.42 -37.76
C ARG A 144 13.80 -4.91 -38.62
N ARG A 145 12.82 -4.30 -37.97
CA ARG A 145 11.69 -3.74 -38.69
C ARG A 145 11.93 -2.25 -38.96
N HIS A 146 12.84 -1.65 -38.20
CA HIS A 146 13.15 -0.24 -38.36
C HIS A 146 14.65 -0.08 -38.44
N PRO A 147 15.24 -0.54 -39.55
CA PRO A 147 16.69 -0.45 -39.74
C PRO A 147 17.34 0.90 -39.53
N TYR A 148 16.55 1.95 -39.28
CA TYR A 148 17.15 3.28 -39.06
C TYR A 148 16.81 3.87 -37.69
N PHE A 149 16.29 3.05 -36.80
CA PHE A 149 15.92 3.51 -35.48
C PHE A 149 17.14 4.07 -34.75
N TYR A 150 17.01 5.29 -34.23
CA TYR A 150 18.08 5.97 -33.47
C TYR A 150 18.51 5.05 -32.34
N ALA A 151 19.64 4.37 -32.58
CA ALA A 151 20.22 3.40 -31.66
C ALA A 151 20.19 3.74 -30.16
N PRO A 152 20.79 4.87 -29.78
CA PRO A 152 20.81 5.26 -28.36
C PRO A 152 19.42 5.31 -27.78
N GLU A 153 18.49 5.89 -28.53
CA GLU A 153 17.12 6.02 -28.07
C GLU A 153 16.42 4.68 -27.93
N LEU A 154 16.82 3.70 -28.74
CA LEU A 154 16.22 2.37 -28.66
C LEU A 154 16.48 1.77 -27.28
N LEU A 155 17.64 2.06 -26.71
CA LEU A 155 18.01 1.55 -25.39
C LEU A 155 17.16 2.22 -24.34
N PHE A 156 16.75 3.45 -24.61
CA PHE A 156 15.91 4.18 -23.68
C PHE A 156 14.54 3.52 -23.64
N PHE A 157 13.98 3.26 -24.83
CA PHE A 157 12.67 2.63 -24.88
C PHE A 157 12.73 1.30 -24.15
N ALA A 158 13.82 0.57 -24.38
CA ALA A 158 14.02 -0.74 -23.76
C ALA A 158 13.87 -0.66 -22.25
N LYS A 159 14.51 0.34 -21.64
CA LYS A 159 14.40 0.49 -20.20
C LYS A 159 12.96 0.79 -19.84
N ARG A 160 12.27 1.53 -20.70
CA ARG A 160 10.89 1.85 -20.40
C ARG A 160 10.03 0.60 -20.55
N TYR A 161 10.35 -0.25 -21.52
CA TYR A 161 9.58 -1.48 -21.74
C TYR A 161 9.78 -2.44 -20.58
N LYS A 162 10.97 -2.41 -19.99
CA LYS A 162 11.27 -3.27 -18.85
C LYS A 162 10.48 -2.79 -17.65
N ALA A 163 10.44 -1.47 -17.44
CA ALA A 163 9.71 -0.93 -16.32
C ALA A 163 8.23 -1.22 -16.43
N ALA A 164 7.71 -1.31 -17.65
CA ALA A 164 6.30 -1.58 -17.86
C ALA A 164 5.96 -2.95 -17.28
N PHE A 165 6.67 -3.98 -17.71
CA PHE A 165 6.46 -5.35 -17.24
C PHE A 165 6.79 -5.52 -15.75
N THR A 166 7.92 -4.97 -15.35
CA THR A 166 8.38 -5.08 -13.98
C THR A 166 7.36 -4.54 -13.02
N GLU A 167 6.51 -3.65 -13.50
CA GLU A 167 5.50 -3.06 -12.62
C GLU A 167 4.14 -3.71 -12.74
N CYS A 168 3.67 -3.89 -13.97
CA CYS A 168 2.37 -4.47 -14.24
C CYS A 168 2.21 -5.96 -13.95
N CYS A 169 3.26 -6.75 -14.14
CA CYS A 169 3.17 -8.18 -13.91
C CYS A 169 2.94 -8.60 -12.45
N GLN A 170 3.07 -7.66 -11.54
CA GLN A 170 2.85 -7.95 -10.12
C GLN A 170 1.73 -7.07 -9.57
N ALA A 171 0.63 -6.98 -10.31
CA ALA A 171 -0.50 -6.16 -9.89
C ALA A 171 -1.79 -6.96 -9.86
N ALA A 172 -2.90 -6.24 -9.68
CA ALA A 172 -4.21 -6.88 -9.62
C ALA A 172 -4.64 -7.31 -11.01
N ASP A 173 -4.72 -6.36 -11.92
CA ASP A 173 -5.10 -6.67 -13.30
C ASP A 173 -4.02 -6.15 -14.23
N LYS A 174 -3.20 -7.08 -14.72
CA LYS A 174 -2.10 -6.73 -15.62
C LYS A 174 -2.61 -6.27 -16.97
N ALA A 175 -3.46 -7.08 -17.60
CA ALA A 175 -4.01 -6.71 -18.92
C ALA A 175 -4.33 -5.23 -18.91
N ALA A 176 -4.95 -4.76 -17.83
CA ALA A 176 -5.33 -3.36 -17.70
C ALA A 176 -4.15 -2.43 -17.49
N CYS A 177 -3.09 -2.95 -16.89
CA CYS A 177 -1.90 -2.15 -16.60
C CYS A 177 -0.85 -2.15 -17.70
N LEU A 178 -0.61 -3.30 -18.31
CA LEU A 178 0.38 -3.43 -19.38
C LEU A 178 -0.11 -2.98 -20.76
N LEU A 179 -1.14 -3.66 -21.28
CA LEU A 179 -1.68 -3.34 -22.59
C LEU A 179 -1.64 -1.86 -22.99
N PRO A 180 -2.11 -0.95 -22.10
CA PRO A 180 -2.09 0.49 -22.41
C PRO A 180 -0.65 1.01 -22.62
N LYS A 181 0.15 0.95 -21.56
CA LYS A 181 1.54 1.38 -21.59
C LYS A 181 2.25 0.80 -22.80
N LEU A 182 1.82 -0.37 -23.23
CA LEU A 182 2.44 -1.04 -24.37
C LEU A 182 2.05 -0.39 -25.66
N ASP A 183 0.85 0.17 -25.69
CA ASP A 183 0.36 0.84 -26.88
C ASP A 183 1.01 2.20 -27.04
N GLU A 184 1.09 2.90 -25.92
CA GLU A 184 1.71 4.19 -25.89
C GLU A 184 3.12 4.03 -26.43
N LEU A 185 3.79 2.94 -26.05
CA LEU A 185 5.15 2.68 -26.51
C LEU A 185 5.24 2.38 -28.02
N ARG A 186 4.36 1.51 -28.53
CA ARG A 186 4.37 1.14 -29.94
C ARG A 186 4.24 2.38 -30.82
N ASP A 187 3.32 3.27 -30.46
CA ASP A 187 3.12 4.48 -31.23
C ASP A 187 4.36 5.39 -31.16
N GLU A 188 4.75 5.77 -29.96
CA GLU A 188 5.93 6.62 -29.80
C GLU A 188 7.17 5.99 -30.48
N GLY A 189 7.24 4.67 -30.48
CA GLY A 189 8.36 4.01 -31.10
C GLY A 189 8.34 4.25 -32.59
N LYS A 190 7.13 4.32 -33.16
CA LYS A 190 6.98 4.57 -34.58
C LYS A 190 7.29 6.04 -34.86
N ALA A 191 6.77 6.92 -34.01
CA ALA A 191 7.04 8.34 -34.15
C ALA A 191 8.54 8.49 -34.25
N SER A 192 9.22 8.07 -33.18
CA SER A 192 10.68 8.13 -33.08
C SER A 192 11.37 7.61 -34.37
N SER A 193 10.95 6.43 -34.82
CA SER A 193 11.53 5.83 -36.02
C SER A 193 11.39 6.75 -37.20
N ALA A 194 10.23 7.38 -37.32
CA ALA A 194 9.96 8.27 -38.43
C ALA A 194 10.88 9.48 -38.47
N LYS A 195 10.89 10.28 -37.40
CA LYS A 195 11.79 11.43 -37.35
C LYS A 195 13.22 11.02 -37.72
N GLN A 196 13.76 10.07 -36.99
CA GLN A 196 15.12 9.65 -37.31
C GLN A 196 15.29 9.30 -38.80
N ARG A 197 14.29 8.69 -39.44
CA ARG A 197 14.39 8.37 -40.87
C ARG A 197 14.50 9.63 -41.77
N LEU A 198 13.98 10.75 -41.28
CA LEU A 198 14.07 11.99 -42.01
C LEU A 198 15.52 12.51 -41.92
N LYS A 199 16.08 12.46 -40.72
CA LYS A 199 17.45 12.94 -40.51
C LYS A 199 18.44 12.18 -41.38
N CYS A 200 18.30 10.87 -41.41
CA CYS A 200 19.20 10.06 -42.21
C CYS A 200 19.01 10.35 -43.68
N ALA A 201 17.76 10.51 -44.09
CA ALA A 201 17.42 10.83 -45.49
C ALA A 201 18.05 12.16 -45.89
N SER A 202 17.97 13.12 -44.96
CA SER A 202 18.56 14.44 -45.17
C SER A 202 20.04 14.30 -45.42
N LEU A 203 20.72 13.72 -44.43
CA LEU A 203 22.16 13.50 -44.46
C LEU A 203 22.60 12.72 -45.69
N GLN A 204 21.88 11.65 -46.00
CA GLN A 204 22.27 10.81 -47.11
C GLN A 204 21.92 11.30 -48.52
N LYS A 205 20.77 11.93 -48.69
CA LYS A 205 20.39 12.42 -50.02
C LYS A 205 20.63 13.91 -50.30
N PHE A 206 20.96 14.69 -49.27
CA PHE A 206 21.18 16.12 -49.47
C PHE A 206 22.48 16.66 -48.91
N GLY A 207 23.20 15.85 -48.14
CA GLY A 207 24.47 16.30 -47.59
C GLY A 207 24.39 16.87 -46.20
N GLU A 208 25.55 17.10 -45.58
CA GLU A 208 25.55 17.61 -44.21
C GLU A 208 25.23 19.08 -44.15
N ARG A 209 25.37 19.77 -45.27
CA ARG A 209 25.08 21.20 -45.28
C ARG A 209 23.62 21.38 -44.89
N ALA A 210 22.76 20.60 -45.50
CA ALA A 210 21.32 20.62 -45.25
C ALA A 210 21.01 20.27 -43.80
N PHE A 211 21.59 19.17 -43.33
CA PHE A 211 21.36 18.76 -41.95
C PHE A 211 21.76 19.86 -40.97
N LYS A 212 22.86 20.53 -41.27
CA LYS A 212 23.32 21.60 -40.40
C LYS A 212 22.33 22.72 -40.37
N ALA A 213 21.86 23.14 -41.55
CA ALA A 213 20.89 24.22 -41.66
C ALA A 213 19.68 23.94 -40.77
N TRP A 214 19.12 22.74 -40.91
CA TRP A 214 17.99 22.32 -40.10
C TRP A 214 18.33 22.38 -38.59
N ALA A 215 19.55 21.96 -38.25
CA ALA A 215 20.00 21.97 -36.85
C ALA A 215 20.09 23.38 -36.27
N VAL A 216 20.64 24.30 -37.05
CA VAL A 216 20.78 25.67 -36.59
C VAL A 216 19.41 26.22 -36.21
N ALA A 217 18.50 26.31 -37.18
CA ALA A 217 17.16 26.83 -36.95
C ALA A 217 16.44 26.10 -35.81
N ARG A 218 16.43 24.79 -35.86
CA ARG A 218 15.77 24.04 -34.81
C ARG A 218 16.33 24.32 -33.42
N LEU A 219 17.65 24.41 -33.28
CA LEU A 219 18.24 24.68 -31.97
C LEU A 219 18.18 26.15 -31.53
N SER A 220 18.20 27.07 -32.50
CA SER A 220 18.13 28.49 -32.20
C SER A 220 16.74 28.79 -31.63
N GLN A 221 15.72 28.09 -32.13
CA GLN A 221 14.38 28.27 -31.60
C GLN A 221 14.34 27.75 -30.15
N ARG A 222 15.00 26.61 -29.93
CA ARG A 222 14.99 25.97 -28.64
C ARG A 222 15.82 26.68 -27.56
N PHE A 223 16.96 27.24 -27.96
CA PHE A 223 17.83 27.93 -27.02
C PHE A 223 18.05 29.39 -27.48
N PRO A 224 17.01 30.23 -27.37
CA PRO A 224 17.04 31.64 -27.76
C PRO A 224 18.14 32.44 -27.07
N LYS A 225 18.44 32.08 -25.84
CA LYS A 225 19.46 32.79 -25.09
C LYS A 225 20.87 32.39 -25.46
N ALA A 226 21.06 31.17 -25.96
CA ALA A 226 22.40 30.71 -26.35
C ALA A 226 23.05 31.64 -27.37
N GLU A 227 24.37 31.65 -27.43
CA GLU A 227 25.08 32.50 -28.39
C GLU A 227 25.33 31.73 -29.69
N PHE A 228 25.35 32.45 -30.81
CA PHE A 228 25.57 31.83 -32.12
C PHE A 228 26.74 30.86 -32.12
N ALA A 229 27.85 31.25 -31.51
CA ALA A 229 29.03 30.40 -31.46
C ALA A 229 28.83 29.24 -30.50
N GLU A 230 27.77 29.31 -29.71
CA GLU A 230 27.49 28.22 -28.79
C GLU A 230 26.67 27.18 -29.55
N VAL A 231 25.60 27.66 -30.20
CA VAL A 231 24.73 26.81 -30.98
C VAL A 231 25.61 26.12 -32.04
N SER A 232 26.43 26.91 -32.72
CA SER A 232 27.31 26.37 -33.75
C SER A 232 28.07 25.16 -33.24
N LYS A 233 28.49 25.24 -31.98
CA LYS A 233 29.23 24.14 -31.34
C LYS A 233 28.30 22.94 -31.25
N LEU A 234 27.13 23.16 -30.65
CA LEU A 234 26.13 22.11 -30.49
C LEU A 234 25.83 21.45 -31.82
N VAL A 235 25.47 22.26 -32.81
CA VAL A 235 25.14 21.76 -34.13
C VAL A 235 26.23 20.87 -34.72
N THR A 236 27.49 21.28 -34.56
CA THR A 236 28.61 20.50 -35.09
C THR A 236 28.68 19.11 -34.49
N ASP A 237 28.58 19.03 -33.17
CA ASP A 237 28.64 17.74 -32.51
C ASP A 237 27.41 16.90 -32.94
N LEU A 238 26.23 17.47 -32.69
CA LEU A 238 24.97 16.82 -33.04
C LEU A 238 25.05 16.22 -34.43
N THR A 239 25.55 16.99 -35.38
CA THR A 239 25.69 16.48 -36.73
C THR A 239 26.46 15.15 -36.70
N LYS A 240 27.64 15.18 -36.07
CA LYS A 240 28.49 14.01 -35.94
C LYS A 240 27.70 12.82 -35.41
N VAL A 241 27.08 13.00 -34.25
CA VAL A 241 26.30 11.93 -33.63
C VAL A 241 25.42 11.23 -34.68
N HIS A 242 24.55 11.99 -35.33
CA HIS A 242 23.66 11.43 -36.32
C HIS A 242 24.37 10.95 -37.58
N THR A 243 25.44 11.63 -37.97
CA THR A 243 26.15 11.18 -39.14
C THR A 243 26.60 9.75 -38.89
N GLU A 244 27.06 9.52 -37.66
CA GLU A 244 27.55 8.22 -37.22
C GLU A 244 26.41 7.19 -37.12
N CYS A 245 25.38 7.48 -36.33
CA CYS A 245 24.29 6.54 -36.23
C CYS A 245 23.75 6.15 -37.62
N CYS A 246 23.35 7.13 -38.44
CA CYS A 246 22.79 6.83 -39.75
C CYS A 246 23.69 6.01 -40.66
N HIS A 247 25.00 6.00 -40.40
CA HIS A 247 25.89 5.23 -41.24
C HIS A 247 26.17 3.84 -40.64
N GLY A 248 25.64 3.58 -39.45
CA GLY A 248 25.84 2.29 -38.81
C GLY A 248 26.89 2.22 -37.70
N ASP A 249 27.61 3.32 -37.49
CA ASP A 249 28.63 3.36 -36.46
C ASP A 249 27.94 3.58 -35.11
N LEU A 250 27.14 2.59 -34.71
CA LEU A 250 26.37 2.65 -33.48
C LEU A 250 27.11 2.88 -32.15
N LEU A 251 28.22 2.19 -31.94
CA LEU A 251 28.96 2.36 -30.70
C LEU A 251 29.38 3.81 -30.46
N GLU A 252 30.16 4.34 -31.39
CA GLU A 252 30.63 5.72 -31.29
C GLU A 252 29.47 6.72 -31.21
N CYS A 253 28.41 6.47 -31.96
CA CYS A 253 27.24 7.35 -31.94
C CYS A 253 26.74 7.41 -30.51
N ALA A 254 26.64 6.24 -29.89
CA ALA A 254 26.18 6.12 -28.51
C ALA A 254 27.11 6.86 -27.56
N ASP A 255 28.39 6.74 -27.83
CA ASP A 255 29.40 7.38 -27.00
C ASP A 255 29.26 8.89 -27.11
N ASP A 256 29.54 9.42 -28.31
CA ASP A 256 29.48 10.85 -28.61
C ASP A 256 28.21 11.47 -28.08
N ARG A 257 27.09 10.77 -28.24
CA ARG A 257 25.84 11.33 -27.76
C ARG A 257 25.91 11.55 -26.26
N ALA A 258 26.56 10.64 -25.55
CA ALA A 258 26.70 10.74 -24.10
C ALA A 258 27.51 11.99 -23.78
N ASP A 259 28.62 12.14 -24.49
CA ASP A 259 29.49 13.29 -24.33
C ASP A 259 28.66 14.56 -24.43
N LEU A 260 27.96 14.69 -25.55
CA LEU A 260 27.11 15.85 -25.83
C LEU A 260 26.09 16.13 -24.76
N ALA A 261 25.61 15.07 -24.10
CA ALA A 261 24.61 15.22 -23.05
C ALA A 261 25.31 15.79 -21.83
N LYS A 262 26.50 15.28 -21.56
CA LYS A 262 27.27 15.74 -20.43
C LYS A 262 27.53 17.24 -20.60
N TYR A 263 28.25 17.61 -21.66
CA TYR A 263 28.56 19.01 -21.96
C TYR A 263 27.33 19.93 -21.79
N ILE A 264 26.25 19.65 -22.51
CA ILE A 264 25.06 20.48 -22.39
C ILE A 264 24.64 20.70 -20.94
N CYS A 265 24.84 19.69 -20.10
CA CYS A 265 24.48 19.78 -18.68
C CYS A 265 25.41 20.65 -17.82
N GLU A 266 26.71 20.51 -18.04
CA GLU A 266 27.67 21.29 -17.30
C GLU A 266 27.38 22.76 -17.60
N ASN A 267 27.33 23.10 -18.88
CA ASN A 267 27.10 24.47 -19.30
C ASN A 267 25.66 24.96 -19.42
N GLN A 268 24.74 24.36 -18.67
CA GLN A 268 23.32 24.77 -18.70
C GLN A 268 23.12 26.26 -18.91
N ASP A 269 23.49 27.02 -17.89
CA ASP A 269 23.40 28.46 -17.83
C ASP A 269 23.66 29.21 -19.13
N SER A 270 24.62 28.75 -19.91
CA SER A 270 24.93 29.40 -21.17
C SER A 270 24.01 28.92 -22.29
N ILE A 271 23.22 27.90 -22.03
CA ILE A 271 22.35 27.32 -23.06
C ILE A 271 20.85 27.52 -22.85
N SER A 272 20.32 27.00 -21.75
CA SER A 272 18.90 27.13 -21.51
C SER A 272 18.57 26.93 -20.05
N SER A 273 17.48 27.54 -19.62
CA SER A 273 17.04 27.46 -18.24
C SER A 273 16.06 26.33 -17.96
N LYS A 274 15.66 25.60 -18.99
CA LYS A 274 14.72 24.51 -18.76
C LYS A 274 15.45 23.17 -18.75
N LEU A 275 16.77 23.23 -18.83
CA LEU A 275 17.59 22.03 -18.82
C LEU A 275 17.84 21.49 -17.41
N LYS A 276 17.26 22.15 -16.41
CA LYS A 276 17.45 21.71 -15.02
C LYS A 276 16.96 20.28 -14.83
N GLU A 277 15.64 20.11 -14.95
CA GLU A 277 15.00 18.81 -14.79
C GLU A 277 15.76 17.67 -15.47
N CYS A 278 16.21 17.92 -16.69
CA CYS A 278 16.96 16.95 -17.50
C CYS A 278 18.26 16.43 -16.88
N CYS A 279 19.10 17.36 -16.46
CA CYS A 279 20.40 17.02 -15.90
C CYS A 279 20.37 16.35 -14.53
N GLU A 280 19.19 16.20 -13.94
CA GLU A 280 19.04 15.52 -12.65
C GLU A 280 18.38 14.14 -12.85
N LYS A 281 19.04 13.29 -13.65
CA LYS A 281 18.48 11.97 -13.92
C LYS A 281 19.50 11.09 -14.60
N PRO A 282 19.23 9.78 -14.68
CA PRO A 282 20.13 8.82 -15.32
C PRO A 282 20.48 9.18 -16.77
N LEU A 283 21.57 8.60 -17.27
CA LEU A 283 22.04 8.86 -18.63
C LEU A 283 20.96 8.76 -19.70
N LEU A 284 20.46 7.56 -19.94
CA LEU A 284 19.45 7.36 -20.97
C LEU A 284 18.26 8.29 -20.86
N GLU A 285 17.87 8.61 -19.63
CA GLU A 285 16.73 9.50 -19.43
C GLU A 285 17.16 10.95 -19.60
N LYS A 286 18.42 11.23 -19.32
CA LYS A 286 18.91 12.60 -19.45
C LYS A 286 18.90 12.95 -20.93
N SER A 287 19.61 12.15 -21.72
CA SER A 287 19.70 12.38 -23.17
C SER A 287 18.34 12.57 -23.83
N HIS A 288 17.41 11.66 -23.56
CA HIS A 288 16.07 11.74 -24.14
C HIS A 288 15.39 13.04 -23.71
N CYS A 289 15.58 13.41 -22.44
CA CYS A 289 15.02 14.62 -21.85
C CYS A 289 15.48 15.91 -22.54
N ILE A 290 16.79 15.99 -22.79
CA ILE A 290 17.41 17.13 -23.44
C ILE A 290 16.90 17.35 -24.86
N ALA A 291 16.90 16.29 -25.65
CA ALA A 291 16.47 16.33 -27.03
C ALA A 291 15.02 16.72 -27.24
N GLU A 292 14.21 16.61 -26.18
CA GLU A 292 12.80 16.95 -26.29
C GLU A 292 12.35 18.11 -25.41
N VAL A 293 13.31 18.84 -24.83
CA VAL A 293 12.99 19.98 -23.95
C VAL A 293 12.23 21.05 -24.70
N GLU A 294 11.45 21.86 -23.99
CA GLU A 294 10.69 22.89 -24.65
C GLU A 294 11.53 24.13 -24.87
N ASN A 295 11.08 25.00 -25.76
CA ASN A 295 11.81 26.23 -26.09
C ASN A 295 11.94 27.14 -24.88
N ASP A 296 13.14 27.64 -24.65
CA ASP A 296 13.38 28.55 -23.53
C ASP A 296 12.70 29.87 -23.87
N GLU A 297 12.48 30.71 -22.86
CA GLU A 297 11.83 32.01 -23.08
C GLU A 297 12.70 32.90 -23.97
N MET A 298 12.05 33.66 -24.83
CA MET A 298 12.73 34.56 -25.76
C MET A 298 13.32 35.80 -25.10
N PRO A 299 14.64 36.02 -25.24
CA PRO A 299 15.30 37.18 -24.64
C PRO A 299 14.48 38.45 -24.88
N ALA A 300 14.39 39.29 -23.85
CA ALA A 300 13.60 40.52 -23.88
C ALA A 300 13.87 41.52 -25.01
N ASP A 301 14.92 42.33 -24.87
CA ASP A 301 15.23 43.37 -25.85
C ASP A 301 16.13 42.97 -27.00
N LEU A 302 15.51 42.45 -28.06
CA LEU A 302 16.26 42.05 -29.24
C LEU A 302 16.01 43.05 -30.32
N PRO A 303 17.07 43.59 -30.93
CA PRO A 303 17.04 44.56 -31.98
C PRO A 303 16.17 44.12 -33.16
N SER A 304 16.10 44.89 -34.26
CA SER A 304 15.31 44.44 -35.43
C SER A 304 16.29 43.83 -36.41
N LEU A 305 15.86 42.76 -37.06
CA LEU A 305 16.71 42.09 -38.03
C LEU A 305 17.14 43.00 -39.19
N ALA A 306 16.20 43.79 -39.70
CA ALA A 306 16.46 44.68 -40.82
C ALA A 306 17.76 45.47 -40.65
N ALA A 307 18.08 45.83 -39.41
CA ALA A 307 19.28 46.59 -39.06
C ALA A 307 20.56 46.04 -39.68
N ASP A 308 20.95 44.85 -39.25
CA ASP A 308 22.17 44.24 -39.74
C ASP A 308 22.01 43.40 -41.01
N PHE A 309 20.77 43.15 -41.43
CA PHE A 309 20.55 42.29 -42.60
C PHE A 309 19.91 42.87 -43.85
N VAL A 310 19.38 44.09 -43.80
CA VAL A 310 18.80 44.69 -45.01
C VAL A 310 19.15 46.17 -45.11
N GLU A 311 19.12 46.86 -43.97
CA GLU A 311 19.43 48.27 -43.98
C GLU A 311 20.92 48.49 -44.09
N SER A 312 21.71 47.87 -43.21
CA SER A 312 23.17 48.02 -43.25
C SER A 312 23.67 48.08 -44.69
N LYS A 313 24.79 48.75 -44.90
CA LYS A 313 25.34 48.87 -46.24
C LYS A 313 26.52 47.90 -46.43
N ASP A 314 26.84 47.14 -45.39
CA ASP A 314 27.96 46.19 -45.48
C ASP A 314 27.56 44.78 -45.87
N VAL A 315 26.27 44.52 -45.87
CA VAL A 315 25.75 43.19 -46.22
C VAL A 315 26.59 42.45 -47.24
N CYS A 316 26.47 42.83 -48.50
CA CYS A 316 27.22 42.14 -49.53
C CYS A 316 28.66 41.87 -49.16
N LYS A 317 29.29 42.83 -48.48
CA LYS A 317 30.69 42.63 -48.10
C LYS A 317 30.83 41.42 -47.18
N ASN A 318 30.02 41.41 -46.12
CA ASN A 318 30.03 40.34 -45.13
C ASN A 318 29.66 39.02 -45.75
N TYR A 319 28.74 39.11 -46.70
CA TYR A 319 28.26 37.94 -47.41
C TYR A 319 29.38 37.34 -48.22
N ALA A 320 30.15 38.21 -48.86
CA ALA A 320 31.27 37.79 -49.70
C ALA A 320 32.41 37.25 -48.86
N GLU A 321 32.60 37.82 -47.67
CA GLU A 321 33.67 37.38 -46.79
C GLU A 321 33.45 35.96 -46.26
N ALA A 322 32.25 35.64 -45.81
CA ALA A 322 31.96 34.28 -45.31
C ALA A 322 30.47 33.97 -45.43
N LYS A 323 30.04 33.79 -46.67
CA LYS A 323 28.66 33.48 -47.01
C LYS A 323 28.00 32.47 -46.07
N ASP A 324 28.79 31.51 -45.61
CA ASP A 324 28.28 30.48 -44.72
C ASP A 324 27.98 30.99 -43.32
N VAL A 325 28.98 31.55 -42.67
CA VAL A 325 28.79 32.06 -41.34
C VAL A 325 27.71 33.15 -41.37
N PHE A 326 27.68 33.94 -42.44
CA PHE A 326 26.70 35.01 -42.53
C PHE A 326 25.26 34.52 -42.61
N LEU A 327 24.98 33.65 -43.57
CA LEU A 327 23.62 33.11 -43.73
C LEU A 327 23.25 32.31 -42.50
N GLY A 328 24.24 31.63 -41.95
CA GLY A 328 23.99 30.85 -40.76
C GLY A 328 23.50 31.81 -39.71
N MET A 329 24.25 32.88 -39.47
CA MET A 329 23.86 33.86 -38.47
C MET A 329 22.45 34.41 -38.75
N PHE A 330 22.15 34.63 -40.01
CA PHE A 330 20.84 35.13 -40.35
C PHE A 330 19.79 34.15 -39.87
N LEU A 331 20.00 32.87 -40.17
CA LEU A 331 19.03 31.86 -39.76
C LEU A 331 18.83 31.85 -38.26
N TYR A 332 19.93 31.77 -37.51
CA TYR A 332 19.93 31.79 -36.03
C TYR A 332 19.13 32.98 -35.49
N GLU A 333 19.45 34.17 -35.98
CA GLU A 333 18.80 35.41 -35.59
C GLU A 333 17.31 35.39 -35.79
N TYR A 334 16.90 34.96 -36.97
CA TYR A 334 15.50 34.93 -37.34
C TYR A 334 14.71 33.81 -36.64
N ALA A 335 15.36 32.67 -36.46
CA ALA A 335 14.71 31.55 -35.81
C ALA A 335 14.50 31.83 -34.32
N ARG A 336 15.56 32.22 -33.64
CA ARG A 336 15.50 32.49 -32.22
C ARG A 336 14.32 33.36 -31.79
N ARG A 337 13.86 34.23 -32.65
CA ARG A 337 12.75 35.09 -32.29
C ARG A 337 11.44 34.67 -32.96
N HIS A 338 11.42 33.44 -33.50
CA HIS A 338 10.25 32.93 -34.20
C HIS A 338 9.89 31.48 -33.92
N PRO A 339 9.65 31.15 -32.64
CA PRO A 339 9.30 29.78 -32.33
C PRO A 339 7.91 29.46 -32.85
N ASP A 340 7.30 30.43 -33.52
CA ASP A 340 5.95 30.25 -34.05
C ASP A 340 6.00 29.78 -35.49
N TYR A 341 7.21 29.81 -36.05
CA TYR A 341 7.49 29.39 -37.42
C TYR A 341 8.03 27.95 -37.50
N SER A 342 7.61 27.21 -38.53
CA SER A 342 8.06 25.82 -38.73
C SER A 342 9.48 25.79 -39.27
N VAL A 343 10.32 24.86 -38.78
CA VAL A 343 11.70 24.79 -39.28
C VAL A 343 11.79 24.89 -40.79
N VAL A 344 10.97 24.18 -41.55
CA VAL A 344 11.06 24.32 -43.01
C VAL A 344 10.70 25.72 -43.52
N LEU A 345 9.84 26.46 -42.81
CA LEU A 345 9.51 27.81 -43.27
C LEU A 345 10.71 28.72 -43.07
N LEU A 346 11.41 28.56 -41.95
CA LEU A 346 12.59 29.37 -41.67
C LEU A 346 13.64 29.16 -42.74
N LEU A 347 13.83 27.90 -43.12
CA LEU A 347 14.78 27.56 -44.18
C LEU A 347 14.37 28.11 -45.54
N ARG A 348 13.07 28.16 -45.83
CA ARG A 348 12.63 28.69 -47.12
C ARG A 348 13.04 30.15 -47.17
N LEU A 349 12.75 30.88 -46.08
CA LEU A 349 13.11 32.30 -45.96
C LEU A 349 14.62 32.44 -46.15
N ALA A 350 15.37 31.70 -45.35
CA ALA A 350 16.83 31.72 -45.45
C ALA A 350 17.26 31.53 -46.90
N LYS A 351 16.58 30.66 -47.62
CA LYS A 351 16.90 30.40 -49.02
C LYS A 351 16.53 31.58 -49.90
N THR A 352 15.44 32.28 -49.60
CA THR A 352 15.06 33.42 -50.42
C THR A 352 16.03 34.59 -50.25
N TYR A 353 16.51 34.79 -49.03
CA TYR A 353 17.44 35.85 -48.72
C TYR A 353 18.71 35.55 -49.51
N GLU A 354 19.21 34.34 -49.41
CA GLU A 354 20.41 33.98 -50.15
C GLU A 354 20.29 34.28 -51.67
N THR A 355 19.23 33.84 -52.32
CA THR A 355 19.05 34.09 -53.75
C THR A 355 19.02 35.60 -54.04
N THR A 356 18.47 36.35 -53.10
CA THR A 356 18.41 37.79 -53.27
C THR A 356 19.79 38.39 -53.19
N LEU A 357 20.55 38.10 -52.15
CA LEU A 357 21.89 38.65 -52.07
C LEU A 357 22.66 38.28 -53.32
N GLU A 358 22.58 37.01 -53.69
CA GLU A 358 23.29 36.51 -54.85
C GLU A 358 23.07 37.34 -56.13
N LYS A 359 21.83 37.70 -56.43
CA LYS A 359 21.60 38.51 -57.63
C LYS A 359 21.85 39.97 -57.33
N CYS A 360 21.32 40.45 -56.20
CA CYS A 360 21.51 41.84 -55.80
C CYS A 360 22.96 42.30 -55.65
N CYS A 361 23.81 41.47 -55.03
CA CYS A 361 25.22 41.84 -54.85
C CYS A 361 26.02 41.93 -56.15
N ALA A 362 25.36 41.65 -57.25
CA ALA A 362 26.01 41.71 -58.55
C ALA A 362 25.52 42.94 -59.31
N ALA A 363 24.56 43.65 -58.74
CA ALA A 363 24.00 44.83 -59.38
C ALA A 363 24.87 46.05 -59.14
N ALA A 364 24.39 47.19 -59.65
CA ALA A 364 25.07 48.48 -59.53
C ALA A 364 25.04 49.00 -58.10
N ASP A 365 23.83 49.15 -57.59
CA ASP A 365 23.63 49.62 -56.24
C ASP A 365 22.90 48.51 -55.50
N PRO A 366 23.66 47.60 -54.88
CA PRO A 366 23.11 46.48 -54.12
C PRO A 366 22.00 46.91 -53.19
N HIS A 367 22.33 47.79 -52.25
CA HIS A 367 21.39 48.28 -51.27
C HIS A 367 19.95 48.45 -51.77
N GLU A 368 19.80 49.05 -52.93
CA GLU A 368 18.48 49.28 -53.51
C GLU A 368 17.77 47.99 -53.92
N CYS A 369 18.52 47.06 -54.47
CA CYS A 369 17.99 45.78 -54.93
C CYS A 369 17.53 44.90 -53.77
N TYR A 370 18.38 44.73 -52.76
CA TYR A 370 18.00 43.88 -51.63
C TYR A 370 17.30 44.63 -50.50
N ALA A 371 16.77 45.80 -50.82
CA ALA A 371 16.09 46.65 -49.84
C ALA A 371 14.69 46.19 -49.48
N LYS A 372 14.04 45.49 -50.39
CA LYS A 372 12.68 45.05 -50.13
C LYS A 372 12.54 43.56 -49.98
N VAL A 373 13.59 42.91 -49.47
CA VAL A 373 13.58 41.45 -49.31
C VAL A 373 12.45 40.93 -48.46
N PHE A 374 12.13 41.63 -47.39
CA PHE A 374 11.07 41.19 -46.49
C PHE A 374 9.68 41.18 -47.10
N ASP A 375 9.52 41.80 -48.25
CA ASP A 375 8.22 41.78 -48.92
C ASP A 375 8.11 40.43 -49.65
N GLU A 376 9.26 39.79 -49.84
CA GLU A 376 9.33 38.50 -50.50
C GLU A 376 8.85 37.47 -49.48
N PHE A 377 9.18 37.72 -48.21
CA PHE A 377 8.82 36.84 -47.11
C PHE A 377 7.33 36.70 -46.84
N LYS A 378 6.60 37.80 -46.93
CA LYS A 378 5.15 37.82 -46.62
C LYS A 378 4.36 36.70 -47.30
N PRO A 379 4.54 36.51 -48.62
CA PRO A 379 3.78 35.44 -49.28
C PRO A 379 4.14 34.07 -48.69
N LEU A 380 5.44 33.82 -48.53
CA LEU A 380 5.88 32.54 -47.98
C LEU A 380 5.34 32.25 -46.58
N VAL A 381 5.21 33.27 -45.74
CA VAL A 381 4.71 33.04 -44.39
C VAL A 381 3.22 32.74 -44.35
N GLU A 382 2.48 33.36 -45.26
CA GLU A 382 1.04 33.17 -45.29
C GLU A 382 0.60 31.83 -45.89
N GLU A 383 1.28 31.38 -46.92
CA GLU A 383 0.95 30.11 -47.57
C GLU A 383 0.70 29.03 -46.51
N PRO A 384 1.70 28.77 -45.64
CA PRO A 384 1.51 27.75 -44.61
C PRO A 384 0.34 28.03 -43.69
N GLN A 385 0.23 29.26 -43.19
CA GLN A 385 -0.83 29.65 -42.27
C GLN A 385 -2.22 29.40 -42.86
N ASN A 386 -2.39 29.77 -44.13
CA ASN A 386 -3.67 29.56 -44.80
C ASN A 386 -3.98 28.07 -44.96
N LEU A 387 -2.98 27.30 -45.35
CA LEU A 387 -3.17 25.88 -45.55
C LEU A 387 -3.53 25.21 -44.23
N ILE A 388 -2.79 25.54 -43.18
CA ILE A 388 -3.05 24.99 -41.85
C ILE A 388 -4.48 25.37 -41.41
N LYS A 389 -4.83 26.66 -41.52
CA LYS A 389 -6.15 27.14 -41.11
C LYS A 389 -7.25 26.31 -41.78
N GLN A 390 -7.21 26.24 -43.10
CA GLN A 390 -8.20 25.50 -43.86
C GLN A 390 -8.33 24.08 -43.34
N ASN A 391 -7.44 23.19 -43.79
CA ASN A 391 -7.40 21.79 -43.39
C ASN A 391 -7.76 21.42 -41.95
N CYS A 392 -7.53 22.32 -41.00
CA CYS A 392 -7.92 22.02 -39.64
C CYS A 392 -9.42 22.33 -39.50
N GLU A 393 -9.87 23.35 -40.23
CA GLU A 393 -11.29 23.70 -40.19
C GLU A 393 -11.98 22.43 -40.68
N LEU A 394 -11.56 21.95 -41.84
CA LEU A 394 -12.12 20.74 -42.41
C LEU A 394 -12.00 19.53 -41.46
N PHE A 395 -10.84 19.38 -40.83
CA PHE A 395 -10.63 18.27 -39.91
C PHE A 395 -11.71 18.32 -38.83
N GLU A 396 -11.78 19.46 -38.15
CA GLU A 396 -12.75 19.69 -37.09
C GLU A 396 -14.17 19.25 -37.45
N GLN A 397 -14.53 19.36 -38.72
CA GLN A 397 -15.89 19.03 -39.18
C GLN A 397 -16.07 17.56 -39.66
N LEU A 398 -15.05 16.98 -40.30
CA LEU A 398 -15.17 15.61 -40.77
C LEU A 398 -14.76 14.53 -39.78
N GLY A 399 -13.84 14.85 -38.89
CA GLY A 399 -13.42 13.83 -37.94
C GLY A 399 -12.22 13.17 -38.58
N GLU A 400 -11.52 12.32 -37.84
CA GLU A 400 -10.34 11.70 -38.40
C GLU A 400 -10.55 10.71 -39.53
N TYR A 401 -11.42 9.72 -39.32
CA TYR A 401 -11.62 8.71 -40.37
C TYR A 401 -12.02 9.30 -41.72
N LYS A 402 -13.08 10.09 -41.75
CA LYS A 402 -13.53 10.68 -42.99
C LYS A 402 -12.44 11.54 -43.62
N PHE A 403 -11.78 12.37 -42.81
CA PHE A 403 -10.69 13.23 -43.30
C PHE A 403 -9.62 12.36 -43.97
N GLN A 404 -9.31 11.22 -43.36
CA GLN A 404 -8.32 10.32 -43.94
C GLN A 404 -8.78 9.89 -45.31
N ASN A 405 -10.06 9.58 -45.43
CA ASN A 405 -10.60 9.16 -46.71
C ASN A 405 -10.47 10.28 -47.76
N ALA A 406 -10.69 11.53 -47.34
CA ALA A 406 -10.57 12.65 -48.26
C ALA A 406 -9.15 12.76 -48.79
N LEU A 407 -8.17 12.59 -47.90
CA LEU A 407 -6.76 12.68 -48.27
C LEU A 407 -6.39 11.49 -49.15
N LEU A 408 -7.14 10.40 -48.98
CA LEU A 408 -6.94 9.20 -49.78
C LEU A 408 -7.32 9.46 -51.24
N VAL A 409 -8.49 10.05 -51.46
CA VAL A 409 -8.95 10.36 -52.79
C VAL A 409 -8.01 11.40 -53.41
N ARG A 410 -7.73 12.48 -52.66
CA ARG A 410 -6.86 13.56 -53.13
C ARG A 410 -5.47 13.08 -53.55
N TYR A 411 -4.82 12.21 -52.77
CA TYR A 411 -3.52 11.79 -53.20
C TYR A 411 -3.51 10.76 -54.34
N THR A 412 -4.57 9.94 -54.45
CA THR A 412 -4.58 8.94 -55.53
C THR A 412 -4.76 9.61 -56.90
N LYS A 413 -5.38 10.80 -56.90
CA LYS A 413 -5.54 11.51 -58.15
C LYS A 413 -4.22 12.19 -58.49
N LYS A 414 -3.43 12.54 -57.49
CA LYS A 414 -2.16 13.19 -57.77
C LYS A 414 -1.15 12.22 -58.34
N VAL A 415 -0.98 11.10 -57.66
CA VAL A 415 0.02 10.14 -58.10
C VAL A 415 -0.59 8.73 -58.16
N PRO A 416 -1.45 8.47 -59.16
CA PRO A 416 -2.16 7.18 -59.40
C PRO A 416 -1.34 5.89 -59.56
N GLN A 417 -0.09 6.03 -59.96
CA GLN A 417 0.76 4.87 -60.13
C GLN A 417 1.14 4.26 -58.79
N VAL A 418 1.45 5.09 -57.80
CA VAL A 418 1.84 4.59 -56.48
C VAL A 418 0.97 3.41 -55.99
N SER A 419 1.65 2.43 -55.39
CA SER A 419 1.03 1.20 -54.86
C SER A 419 0.00 1.39 -53.77
N THR A 420 -1.18 0.80 -53.98
CA THR A 420 -2.27 0.92 -53.03
C THR A 420 -1.84 0.77 -51.57
N PRO A 421 -0.90 -0.15 -51.28
CA PRO A 421 -0.49 -0.27 -49.89
C PRO A 421 0.15 1.04 -49.38
N THR A 422 1.10 1.58 -50.16
CA THR A 422 1.81 2.82 -49.79
C THR A 422 0.87 4.01 -49.72
N LEU A 423 -0.11 4.08 -50.62
CA LEU A 423 -1.02 5.21 -50.56
C LEU A 423 -1.84 5.18 -49.28
N VAL A 424 -2.38 3.99 -48.97
CA VAL A 424 -3.17 3.83 -47.78
C VAL A 424 -2.37 4.21 -46.54
N GLU A 425 -1.14 3.72 -46.43
CA GLU A 425 -0.30 4.03 -45.27
C GLU A 425 -0.02 5.52 -45.07
N VAL A 426 0.46 6.15 -46.14
CA VAL A 426 0.80 7.56 -46.19
C VAL A 426 -0.39 8.43 -45.92
N SER A 427 -1.51 8.14 -46.57
CA SER A 427 -2.69 8.93 -46.36
C SER A 427 -3.25 8.81 -44.95
N ARG A 428 -3.18 7.62 -44.36
CA ARG A 428 -3.67 7.43 -42.99
C ARG A 428 -2.83 8.28 -42.03
N ASN A 429 -1.51 8.24 -42.18
CA ASN A 429 -0.62 9.04 -41.34
C ASN A 429 -0.89 10.54 -41.55
N LEU A 430 -1.06 10.96 -42.82
CA LEU A 430 -1.31 12.37 -43.10
C LEU A 430 -2.53 12.87 -42.33
N GLY A 431 -3.48 11.96 -42.12
CA GLY A 431 -4.69 12.32 -41.40
C GLY A 431 -4.44 12.53 -39.93
N LYS A 432 -3.52 11.73 -39.38
CA LYS A 432 -3.19 11.84 -37.95
C LYS A 432 -2.70 13.23 -37.57
N VAL A 433 -1.98 13.87 -38.49
CA VAL A 433 -1.46 15.20 -38.28
C VAL A 433 -2.58 16.09 -37.75
N GLY A 434 -3.75 15.92 -38.34
CA GLY A 434 -4.89 16.73 -37.96
C GLY A 434 -5.14 16.67 -36.48
N SER A 435 -5.24 15.45 -35.96
CA SER A 435 -5.49 15.20 -34.56
C SER A 435 -4.36 15.66 -33.65
N LYS A 436 -3.13 15.55 -34.08
CA LYS A 436 -2.03 15.98 -33.24
C LYS A 436 -1.93 17.49 -33.14
N CYS A 437 -1.89 18.16 -34.28
CA CYS A 437 -1.74 19.62 -34.32
C CYS A 437 -2.94 20.50 -34.13
N CYS A 438 -3.91 20.39 -35.03
CA CYS A 438 -5.12 21.22 -34.96
C CYS A 438 -5.59 21.69 -33.59
N LYS A 439 -5.47 20.83 -32.59
CA LYS A 439 -5.91 21.16 -31.22
C LYS A 439 -5.05 22.23 -30.57
N HIS A 440 -3.97 22.64 -31.23
CA HIS A 440 -3.08 23.66 -30.69
C HIS A 440 -3.55 25.01 -31.18
N PRO A 441 -3.22 26.08 -30.44
CA PRO A 441 -3.60 27.44 -30.82
C PRO A 441 -2.76 27.92 -31.99
N GLU A 442 -3.28 28.86 -32.75
CA GLU A 442 -2.57 29.42 -33.90
C GLU A 442 -1.05 29.44 -33.71
N ALA A 443 -0.59 29.97 -32.58
CA ALA A 443 0.83 30.09 -32.24
C ALA A 443 1.75 28.86 -32.42
N LYS A 444 1.28 27.66 -32.09
CA LYS A 444 2.09 26.46 -32.23
C LYS A 444 1.62 25.49 -33.32
N ARG A 445 0.66 25.91 -34.13
CA ARG A 445 0.15 25.03 -35.17
C ARG A 445 1.16 24.73 -36.26
N MET A 446 1.81 25.77 -36.77
CA MET A 446 2.76 25.61 -37.86
C MET A 446 3.91 24.64 -37.62
N PRO A 447 4.66 24.79 -36.51
CA PRO A 447 5.77 23.87 -36.26
C PRO A 447 5.22 22.45 -36.18
N CYS A 448 4.14 22.28 -35.44
CA CYS A 448 3.55 20.96 -35.30
C CYS A 448 3.17 20.40 -36.65
N ALA A 449 2.32 21.13 -37.36
CA ALA A 449 1.82 20.72 -38.67
C ALA A 449 2.83 20.51 -39.77
N GLU A 450 3.58 21.54 -40.11
CA GLU A 450 4.52 21.37 -41.20
C GLU A 450 5.75 20.55 -40.93
N ASP A 451 6.10 20.35 -39.67
CA ASP A 451 7.28 19.53 -39.44
C ASP A 451 6.87 18.08 -39.51
N TYR A 452 5.65 17.80 -39.07
CA TYR A 452 5.12 16.45 -39.11
C TYR A 452 4.95 16.03 -40.59
N LEU A 453 4.41 16.96 -41.37
CA LEU A 453 4.20 16.75 -42.80
C LEU A 453 5.50 16.42 -43.54
N SER A 454 6.62 16.92 -43.01
CA SER A 454 7.93 16.66 -43.63
C SER A 454 8.33 15.23 -43.41
N VAL A 455 7.95 14.72 -42.23
CA VAL A 455 8.23 13.33 -41.87
C VAL A 455 7.37 12.39 -42.69
N VAL A 456 6.06 12.57 -42.63
CA VAL A 456 5.14 11.72 -43.37
C VAL A 456 5.42 11.68 -44.87
N LEU A 457 5.69 12.82 -45.49
CA LEU A 457 5.98 12.81 -46.90
C LEU A 457 7.34 12.16 -47.15
N ASN A 458 8.22 12.16 -46.14
CA ASN A 458 9.54 11.56 -46.35
C ASN A 458 9.32 10.07 -46.43
N GLN A 459 8.28 9.60 -45.75
CA GLN A 459 7.95 8.18 -45.72
C GLN A 459 7.59 7.81 -47.17
N LEU A 460 6.60 8.52 -47.71
CA LEU A 460 6.16 8.32 -49.09
C LEU A 460 7.34 8.29 -50.05
N CYS A 461 8.29 9.21 -49.87
CA CYS A 461 9.44 9.27 -50.75
C CYS A 461 10.30 8.02 -50.69
N VAL A 462 10.75 7.65 -49.49
CA VAL A 462 11.60 6.46 -49.33
C VAL A 462 10.92 5.16 -49.76
N LEU A 463 9.66 4.94 -49.38
CA LEU A 463 9.00 3.72 -49.83
C LEU A 463 9.04 3.71 -51.36
N HIS A 464 8.67 4.83 -51.97
CA HIS A 464 8.65 4.94 -53.42
C HIS A 464 10.00 4.74 -54.12
N GLU A 465 11.09 5.20 -53.54
CA GLU A 465 12.41 5.07 -54.17
C GLU A 465 12.84 3.61 -54.35
N LYS A 466 12.19 2.71 -53.61
CA LYS A 466 12.49 1.29 -53.67
C LYS A 466 12.01 0.72 -55.00
N THR A 467 10.94 1.31 -55.54
CA THR A 467 10.38 0.86 -56.81
C THR A 467 9.61 2.02 -57.42
N PRO A 468 10.35 2.91 -58.08
CA PRO A 468 9.87 4.13 -58.75
C PRO A 468 8.88 3.93 -59.90
N VAL A 469 7.63 4.33 -59.68
CA VAL A 469 6.60 4.19 -60.70
C VAL A 469 6.00 5.51 -61.20
N SER A 470 6.20 6.59 -60.45
CA SER A 470 5.69 7.90 -60.82
C SER A 470 6.76 8.94 -60.84
N ASP A 471 6.95 9.61 -61.98
CA ASP A 471 7.97 10.64 -62.09
C ASP A 471 7.62 11.86 -61.27
N ARG A 472 6.33 12.04 -61.03
CA ARG A 472 5.86 13.17 -60.26
C ARG A 472 6.32 13.05 -58.82
N VAL A 473 6.31 11.83 -58.31
CA VAL A 473 6.78 11.61 -56.95
C VAL A 473 8.30 11.81 -56.97
N THR A 474 8.97 11.26 -57.99
CA THR A 474 10.42 11.42 -58.05
C THR A 474 10.81 12.89 -58.07
N LYS A 475 10.29 13.66 -59.03
CA LYS A 475 10.60 15.09 -59.07
C LYS A 475 10.42 15.73 -57.70
N CYS A 476 9.20 15.64 -57.14
CA CYS A 476 8.89 16.21 -55.84
C CYS A 476 9.78 15.72 -54.67
N CYS A 477 10.37 14.55 -54.80
CA CYS A 477 11.17 14.08 -53.68
C CYS A 477 12.65 14.45 -53.71
N THR A 478 13.21 14.69 -54.90
CA THR A 478 14.62 15.02 -55.02
C THR A 478 14.91 16.46 -55.44
N GLU A 479 13.90 17.17 -55.90
CA GLU A 479 14.12 18.54 -56.32
C GLU A 479 14.58 19.40 -55.13
N SER A 480 13.83 19.38 -54.04
CA SER A 480 14.22 20.15 -52.87
C SER A 480 13.71 19.46 -51.64
N LEU A 481 14.52 19.43 -50.59
CA LEU A 481 14.09 18.80 -49.37
C LEU A 481 13.03 19.63 -48.66
N VAL A 482 13.31 20.92 -48.50
CA VAL A 482 12.41 21.83 -47.79
C VAL A 482 11.14 22.21 -48.53
N ASN A 483 11.08 21.98 -49.84
CA ASN A 483 9.88 22.35 -50.60
C ASN A 483 9.00 21.17 -50.99
N ARG A 484 9.29 20.00 -50.42
CA ARG A 484 8.54 18.79 -50.69
C ARG A 484 7.07 18.98 -50.57
N ARG A 485 6.67 19.60 -49.46
CA ARG A 485 5.25 19.82 -49.19
C ARG A 485 4.64 20.74 -50.27
N PRO A 486 5.28 21.89 -50.50
CA PRO A 486 4.74 22.77 -51.52
C PRO A 486 4.59 22.07 -52.84
N CYS A 487 5.58 21.25 -53.20
CA CYS A 487 5.60 20.53 -54.48
C CYS A 487 4.36 19.66 -54.58
N PHE A 488 4.17 18.81 -53.56
CA PHE A 488 3.03 17.91 -53.49
C PHE A 488 1.66 18.60 -53.49
N SER A 489 1.53 19.67 -52.70
CA SER A 489 0.28 20.43 -52.65
C SER A 489 -0.02 21.00 -54.02
N ALA A 490 1.03 21.34 -54.75
CA ALA A 490 0.85 21.93 -56.04
C ALA A 490 0.17 20.97 -57.01
N LEU A 491 0.54 19.71 -56.95
CA LEU A 491 -0.04 18.73 -57.84
C LEU A 491 -1.56 18.59 -57.63
N GLU A 492 -2.29 18.47 -58.73
CA GLU A 492 -3.73 18.31 -58.71
C GLU A 492 -4.12 16.88 -59.18
N VAL A 493 -4.23 16.65 -60.49
CA VAL A 493 -4.54 15.29 -60.97
C VAL A 493 -3.66 14.94 -62.18
N ASP A 494 -3.20 13.70 -62.24
CA ASP A 494 -2.36 13.28 -63.34
C ASP A 494 -3.15 13.16 -64.66
N GLU A 495 -3.04 14.19 -65.49
CA GLU A 495 -3.72 14.24 -66.76
C GLU A 495 -3.32 13.17 -67.81
N THR A 496 -2.13 12.58 -67.70
CA THR A 496 -1.69 11.57 -68.66
C THR A 496 -1.99 10.13 -68.25
N TYR A 497 -2.39 9.94 -66.98
CA TYR A 497 -2.68 8.62 -66.44
C TYR A 497 -3.80 7.87 -67.14
N VAL A 498 -3.53 6.62 -67.49
CA VAL A 498 -4.50 5.76 -68.14
C VAL A 498 -5.21 4.87 -67.12
N PRO A 499 -6.53 5.01 -67.00
CA PRO A 499 -7.36 4.24 -66.06
C PRO A 499 -7.15 2.73 -66.10
N LYS A 500 -7.12 2.11 -64.91
CA LYS A 500 -6.92 0.67 -64.77
C LYS A 500 -8.20 -0.06 -65.12
N GLU A 501 -8.12 -1.38 -65.26
CA GLU A 501 -9.26 -2.21 -65.59
C GLU A 501 -9.59 -3.13 -64.42
N PHE A 502 -10.87 -3.17 -64.03
CA PHE A 502 -11.34 -3.97 -62.90
C PHE A 502 -10.82 -5.41 -62.80
N ASN A 503 -10.72 -5.87 -61.55
CA ASN A 503 -10.27 -7.22 -61.24
C ASN A 503 -11.21 -7.76 -60.16
N ALA A 504 -11.88 -8.86 -60.47
CA ALA A 504 -12.82 -9.49 -59.53
C ALA A 504 -12.22 -9.60 -58.13
N GLU A 505 -11.08 -10.27 -58.04
CA GLU A 505 -10.35 -10.50 -56.78
C GLU A 505 -10.16 -9.26 -55.91
N THR A 506 -9.79 -8.16 -56.54
CA THR A 506 -9.55 -6.89 -55.86
C THR A 506 -10.76 -6.36 -55.09
N PHE A 507 -11.96 -6.55 -55.65
CA PHE A 507 -13.17 -6.06 -55.01
C PHE A 507 -14.09 -7.16 -54.48
N THR A 508 -13.50 -8.28 -54.03
CA THR A 508 -14.27 -9.39 -53.47
C THR A 508 -14.12 -9.47 -51.95
N PHE A 509 -15.16 -9.00 -51.26
CA PHE A 509 -15.21 -8.98 -49.79
C PHE A 509 -15.69 -10.31 -49.19
N HIS A 510 -14.80 -10.95 -48.43
CA HIS A 510 -15.10 -12.23 -47.78
C HIS A 510 -15.51 -12.03 -46.32
N ALA A 511 -15.85 -13.13 -45.66
CA ALA A 511 -16.27 -13.07 -44.25
C ALA A 511 -15.06 -12.88 -43.32
N ASP A 512 -13.86 -13.15 -43.83
CA ASP A 512 -12.64 -13.00 -43.05
C ASP A 512 -12.45 -11.57 -42.56
N ILE A 513 -13.20 -10.64 -43.15
CA ILE A 513 -13.12 -9.23 -42.79
C ILE A 513 -13.87 -8.97 -41.49
N CYS A 514 -14.64 -9.96 -41.07
CA CYS A 514 -15.44 -9.87 -39.86
C CYS A 514 -14.61 -10.15 -38.61
N THR A 515 -13.66 -11.06 -38.74
CA THR A 515 -12.78 -11.39 -37.62
C THR A 515 -11.84 -10.22 -37.36
N LEU A 516 -11.49 -9.50 -38.43
CA LEU A 516 -10.60 -8.35 -38.36
C LEU A 516 -11.13 -7.23 -37.47
N SER A 517 -10.21 -6.65 -36.70
CA SER A 517 -10.53 -5.54 -35.80
C SER A 517 -11.28 -4.43 -36.52
N GLU A 518 -11.87 -3.54 -35.73
CA GLU A 518 -12.61 -2.41 -36.27
C GLU A 518 -11.73 -1.62 -37.24
N LYS A 519 -10.48 -1.39 -36.85
CA LYS A 519 -9.53 -0.65 -37.67
C LYS A 519 -9.19 -1.42 -38.94
N GLU A 520 -8.84 -2.70 -38.79
CA GLU A 520 -8.49 -3.53 -39.93
C GLU A 520 -9.62 -3.54 -40.96
N ARG A 521 -10.79 -3.06 -40.56
CA ARG A 521 -11.92 -3.02 -41.47
C ARG A 521 -11.85 -1.76 -42.34
N GLN A 522 -11.87 -0.59 -41.68
CA GLN A 522 -11.78 0.68 -42.41
C GLN A 522 -10.58 0.60 -43.35
N ILE A 523 -9.51 -0.02 -42.86
CA ILE A 523 -8.31 -0.15 -43.64
C ILE A 523 -8.67 -0.89 -44.91
N LYS A 524 -9.59 -1.85 -44.83
CA LYS A 524 -10.01 -2.62 -46.01
C LYS A 524 -10.88 -1.73 -46.90
N LYS A 525 -11.84 -1.04 -46.29
CA LYS A 525 -12.67 -0.16 -47.06
C LYS A 525 -11.84 0.96 -47.68
N GLN A 526 -10.71 1.30 -47.07
CA GLN A 526 -9.86 2.38 -47.57
C GLN A 526 -9.03 1.93 -48.76
N THR A 527 -8.63 0.67 -48.74
CA THR A 527 -7.83 0.08 -49.83
C THR A 527 -8.76 -0.08 -51.03
N ALA A 528 -10.05 -0.23 -50.76
CA ALA A 528 -11.00 -0.38 -51.85
C ALA A 528 -11.25 0.98 -52.47
N LEU A 529 -11.28 2.02 -51.63
CA LEU A 529 -11.51 3.38 -52.13
C LEU A 529 -10.41 3.77 -53.11
N VAL A 530 -9.17 3.39 -52.78
CA VAL A 530 -8.02 3.68 -53.64
C VAL A 530 -8.24 2.97 -54.96
N GLU A 531 -8.37 1.64 -54.90
CA GLU A 531 -8.60 0.83 -56.11
C GLU A 531 -9.68 1.38 -57.01
N LEU A 532 -10.74 1.93 -56.43
CA LEU A 532 -11.79 2.47 -57.26
C LEU A 532 -11.25 3.72 -57.95
N VAL A 533 -10.70 4.66 -57.19
CA VAL A 533 -10.19 5.89 -57.77
C VAL A 533 -9.22 5.63 -58.92
N LYS A 534 -8.32 4.66 -58.72
CA LYS A 534 -7.37 4.33 -59.77
C LYS A 534 -8.13 3.85 -60.99
N HIS A 535 -9.40 3.53 -60.79
CA HIS A 535 -10.25 3.02 -61.85
C HIS A 535 -11.07 4.12 -62.49
N LYS A 536 -11.48 5.11 -61.72
CA LYS A 536 -12.26 6.21 -62.27
C LYS A 536 -11.68 7.53 -61.75
N PRO A 537 -10.44 7.84 -62.14
CA PRO A 537 -9.75 9.06 -61.73
C PRO A 537 -10.69 10.25 -61.76
N LYS A 538 -11.40 10.39 -62.87
CA LYS A 538 -12.32 11.49 -63.10
C LYS A 538 -13.59 11.45 -62.27
N ALA A 539 -13.80 10.38 -61.51
CA ALA A 539 -14.99 10.27 -60.69
C ALA A 539 -15.07 11.45 -59.74
N THR A 540 -16.21 11.61 -59.07
CA THR A 540 -16.35 12.74 -58.16
C THR A 540 -16.55 12.31 -56.72
N LYS A 541 -16.21 13.24 -55.82
CA LYS A 541 -16.33 13.03 -54.38
C LYS A 541 -17.76 12.66 -54.03
N GLU A 542 -18.70 13.16 -54.83
CA GLU A 542 -20.11 12.88 -54.59
C GLU A 542 -20.35 11.37 -54.75
N GLN A 543 -20.02 10.85 -55.93
CA GLN A 543 -20.20 9.44 -56.24
C GLN A 543 -19.50 8.53 -55.26
N LEU A 544 -18.21 8.82 -55.04
CA LEU A 544 -17.39 8.03 -54.15
C LEU A 544 -18.03 7.80 -52.78
N LYS A 545 -18.55 8.88 -52.19
CA LYS A 545 -19.20 8.78 -50.88
C LYS A 545 -20.39 7.83 -51.01
N ALA A 546 -21.24 8.11 -52.00
CA ALA A 546 -22.43 7.30 -52.27
C ALA A 546 -22.12 5.82 -52.43
N VAL A 547 -20.88 5.52 -52.81
CA VAL A 547 -20.49 4.13 -53.01
C VAL A 547 -19.86 3.58 -51.74
N MET A 548 -19.07 4.41 -51.06
CA MET A 548 -18.42 3.97 -49.83
C MET A 548 -19.44 3.42 -48.86
N ASP A 549 -20.40 4.26 -48.50
CA ASP A 549 -21.44 3.88 -47.56
C ASP A 549 -21.99 2.52 -47.92
N ASP A 550 -22.02 2.20 -49.21
CA ASP A 550 -22.55 0.92 -49.66
C ASP A 550 -21.71 -0.23 -49.12
N PHE A 551 -20.39 -0.12 -49.28
CA PHE A 551 -19.49 -1.16 -48.79
C PHE A 551 -19.75 -1.42 -47.31
N ALA A 552 -20.08 -0.37 -46.58
CA ALA A 552 -20.36 -0.51 -45.15
C ALA A 552 -21.45 -1.56 -45.00
N ALA A 553 -22.48 -1.44 -45.83
CA ALA A 553 -23.61 -2.36 -45.81
C ALA A 553 -23.18 -3.80 -46.05
N PHE A 554 -22.33 -4.00 -47.04
CA PHE A 554 -21.85 -5.32 -47.41
C PHE A 554 -21.19 -6.08 -46.27
N VAL A 555 -20.60 -5.35 -45.33
CA VAL A 555 -19.91 -5.97 -44.20
C VAL A 555 -20.88 -6.37 -43.09
N GLU A 556 -21.78 -5.46 -42.72
CA GLU A 556 -22.77 -5.74 -41.67
C GLU A 556 -23.65 -6.93 -42.03
N LYS A 557 -24.11 -6.98 -43.27
CA LYS A 557 -24.95 -8.08 -43.76
C LYS A 557 -24.16 -9.39 -43.65
N CYS A 558 -23.36 -9.68 -44.68
CA CYS A 558 -22.53 -10.89 -44.74
C CYS A 558 -22.09 -11.37 -43.38
N CYS A 559 -21.31 -10.53 -42.71
CA CYS A 559 -20.74 -10.83 -41.40
C CYS A 559 -21.72 -11.36 -40.35
N LYS A 560 -23.00 -11.03 -40.49
CA LYS A 560 -24.01 -11.49 -39.54
C LYS A 560 -25.26 -11.99 -40.27
N ALA A 561 -25.12 -13.12 -40.95
CA ALA A 561 -26.23 -13.71 -41.70
C ALA A 561 -26.05 -15.23 -41.90
N ASP A 562 -26.31 -16.00 -40.85
CA ASP A 562 -26.18 -17.44 -40.89
C ASP A 562 -24.81 -17.91 -41.39
N ASP A 563 -24.65 -19.21 -41.55
CA ASP A 563 -23.39 -19.79 -42.04
C ASP A 563 -23.16 -19.38 -43.49
N LYS A 564 -22.62 -18.18 -43.68
CA LYS A 564 -22.36 -17.68 -45.02
C LYS A 564 -20.94 -17.22 -45.27
N GLU A 565 -20.19 -18.04 -45.97
CA GLU A 565 -18.82 -17.72 -46.34
C GLU A 565 -18.97 -17.48 -47.83
N THR A 566 -20.19 -17.75 -48.30
CA THR A 566 -20.54 -17.57 -49.70
C THR A 566 -21.28 -16.25 -49.87
N CYS A 567 -21.79 -15.68 -48.77
CA CYS A 567 -22.47 -14.40 -48.85
C CYS A 567 -21.49 -13.49 -49.56
N PHE A 568 -20.22 -13.66 -49.19
CA PHE A 568 -19.11 -12.90 -49.73
C PHE A 568 -19.10 -12.88 -51.26
N ALA A 569 -19.53 -13.98 -51.87
CA ALA A 569 -19.56 -14.07 -53.32
C ALA A 569 -20.92 -13.58 -53.83
N GLU A 570 -21.97 -13.86 -53.08
CA GLU A 570 -23.32 -13.45 -53.46
C GLU A 570 -23.58 -11.97 -53.16
N GLU A 571 -23.44 -11.58 -51.89
CA GLU A 571 -23.63 -10.20 -51.48
C GLU A 571 -22.60 -9.36 -52.23
N GLY A 572 -21.44 -9.96 -52.50
CA GLY A 572 -20.38 -9.28 -53.21
C GLY A 572 -20.74 -9.05 -54.66
N LYS A 573 -21.56 -9.95 -55.22
CA LYS A 573 -22.00 -9.84 -56.61
C LYS A 573 -22.89 -8.62 -56.75
N LYS A 574 -23.85 -8.50 -55.84
CA LYS A 574 -24.77 -7.37 -55.84
C LYS A 574 -23.94 -6.11 -55.66
N LEU A 575 -22.82 -6.26 -54.96
CA LEU A 575 -21.90 -5.17 -54.70
C LEU A 575 -21.28 -4.63 -55.98
N VAL A 576 -20.42 -5.45 -56.60
CA VAL A 576 -19.73 -5.07 -57.84
C VAL A 576 -20.72 -4.65 -58.93
N ALA A 577 -21.88 -5.29 -58.93
CA ALA A 577 -22.92 -4.98 -59.90
C ALA A 577 -23.28 -3.50 -59.77
N ALA A 578 -23.71 -3.12 -58.57
CA ALA A 578 -24.09 -1.74 -58.29
C ALA A 578 -22.86 -0.83 -58.37
N SER A 579 -21.69 -1.40 -58.08
CA SER A 579 -20.45 -0.65 -58.12
C SER A 579 -20.13 -0.30 -59.57
N GLN A 580 -20.21 -1.29 -60.44
CA GLN A 580 -19.92 -1.09 -61.86
C GLN A 580 -20.88 -0.06 -62.47
N ALA A 581 -22.04 0.10 -61.82
CA ALA A 581 -23.05 1.04 -62.28
C ALA A 581 -22.64 2.49 -62.08
N ALA A 582 -22.47 2.89 -60.83
CA ALA A 582 -22.07 4.25 -60.49
C ALA A 582 -20.87 4.71 -61.33
N SER B 5 -3.52 -2.53 5.02
CA SER B 5 -4.05 -1.64 6.08
C SER B 5 -4.89 -2.39 7.12
N GLU B 6 -4.32 -2.65 8.29
CA GLU B 6 -5.07 -3.36 9.30
C GLU B 6 -6.15 -2.42 9.86
N VAL B 7 -5.79 -1.14 10.00
CA VAL B 7 -6.72 -0.12 10.52
C VAL B 7 -8.09 -0.26 9.86
N ALA B 8 -8.09 -0.46 8.54
CA ALA B 8 -9.34 -0.62 7.80
C ALA B 8 -10.06 -1.87 8.31
N HIS B 9 -9.39 -3.01 8.21
CA HIS B 9 -9.95 -4.29 8.66
C HIS B 9 -10.66 -4.13 9.99
N ARG B 10 -10.07 -3.33 10.88
CA ARG B 10 -10.64 -3.12 12.20
C ARG B 10 -11.76 -2.06 12.22
N PHE B 11 -11.67 -1.07 11.33
CA PHE B 11 -12.68 -0.03 11.28
C PHE B 11 -13.97 -0.61 10.71
N LYS B 12 -13.82 -1.41 9.66
CA LYS B 12 -14.94 -2.03 8.98
C LYS B 12 -15.65 -3.04 9.85
N ASP B 13 -14.93 -4.03 10.35
CA ASP B 13 -15.52 -5.07 11.19
C ASP B 13 -16.21 -4.55 12.43
N LEU B 14 -15.55 -3.63 13.12
CA LEU B 14 -16.08 -3.07 14.35
C LEU B 14 -17.13 -2.00 14.13
N GLY B 15 -16.86 -1.05 13.24
CA GLY B 15 -17.81 0.02 13.00
C GLY B 15 -17.33 1.28 13.69
N GLU B 16 -17.69 2.44 13.16
CA GLU B 16 -17.23 3.70 13.72
C GLU B 16 -17.42 3.92 15.21
N GLU B 17 -18.57 3.55 15.76
CA GLU B 17 -18.78 3.74 17.19
C GLU B 17 -17.85 2.83 18.02
N ASN B 18 -18.08 1.52 17.94
CA ASN B 18 -17.26 0.58 18.69
C ASN B 18 -15.78 0.86 18.50
N PHE B 19 -15.41 1.28 17.29
CA PHE B 19 -14.01 1.58 16.98
C PHE B 19 -13.48 2.78 17.78
N LYS B 20 -14.25 3.87 17.82
CA LYS B 20 -13.83 5.08 18.54
C LYS B 20 -13.76 4.83 20.04
N ALA B 21 -14.62 3.95 20.55
CA ALA B 21 -14.65 3.63 21.97
C ALA B 21 -13.41 2.82 22.36
N LEU B 22 -13.19 1.73 21.63
CA LEU B 22 -12.06 0.85 21.88
C LEU B 22 -10.76 1.66 21.90
N VAL B 23 -10.57 2.49 20.88
CA VAL B 23 -9.36 3.30 20.80
C VAL B 23 -9.19 4.26 21.99
N LEU B 24 -10.30 4.78 22.52
CA LEU B 24 -10.27 5.70 23.66
C LEU B 24 -9.81 5.00 24.94
N ILE B 25 -10.39 3.81 25.17
CA ILE B 25 -10.09 2.99 26.34
C ILE B 25 -8.61 2.68 26.34
N ALA B 26 -8.12 2.22 25.20
CA ALA B 26 -6.71 1.87 25.06
C ALA B 26 -5.83 3.02 25.53
N PHE B 27 -6.07 4.18 24.95
CA PHE B 27 -5.30 5.36 25.28
C PHE B 27 -5.43 5.69 26.76
N ALA B 28 -6.65 5.61 27.29
CA ALA B 28 -6.88 5.90 28.70
C ALA B 28 -6.12 4.93 29.61
N GLN B 29 -5.84 3.73 29.11
CA GLN B 29 -5.11 2.74 29.89
C GLN B 29 -3.61 2.89 29.72
N TYR B 30 -3.18 3.35 28.54
CA TYR B 30 -1.76 3.53 28.30
C TYR B 30 -1.22 4.79 28.97
N LEU B 31 -2.05 5.84 29.04
CA LEU B 31 -1.63 7.09 29.67
C LEU B 31 -2.67 7.50 30.69
N GLN B 32 -2.68 6.79 31.82
CA GLN B 32 -3.64 7.03 32.89
C GLN B 32 -3.72 8.42 33.50
N GLN B 33 -2.60 9.13 33.56
CA GLN B 33 -2.61 10.45 34.18
C GLN B 33 -3.00 11.63 33.28
N CYS B 34 -2.96 11.45 31.97
CA CYS B 34 -3.31 12.52 31.04
C CYS B 34 -4.80 12.88 31.11
N PRO B 35 -5.14 14.11 30.70
CA PRO B 35 -6.52 14.66 30.68
C PRO B 35 -7.44 14.10 29.60
N PHE B 36 -8.73 14.15 29.91
CA PHE B 36 -9.78 13.68 29.02
C PHE B 36 -9.81 14.42 27.70
N GLU B 37 -9.63 15.74 27.76
CA GLU B 37 -9.61 16.56 26.57
C GLU B 37 -8.51 16.06 25.63
N ASP B 38 -7.30 15.97 26.18
CA ASP B 38 -6.13 15.51 25.43
C ASP B 38 -6.26 14.10 24.80
N HIS B 39 -7.11 13.26 25.37
CA HIS B 39 -7.29 11.93 24.83
C HIS B 39 -8.27 11.89 23.67
N VAL B 40 -9.43 12.50 23.87
CA VAL B 40 -10.46 12.49 22.82
C VAL B 40 -9.89 13.07 21.53
N LYS B 41 -9.08 14.12 21.67
CA LYS B 41 -8.47 14.76 20.50
C LYS B 41 -7.70 13.73 19.67
N LEU B 42 -6.86 12.96 20.34
CA LEU B 42 -6.06 11.93 19.68
C LEU B 42 -6.91 10.82 19.10
N VAL B 43 -8.01 10.50 19.79
CA VAL B 43 -8.91 9.46 19.31
C VAL B 43 -9.46 9.84 17.96
N ASN B 44 -10.04 11.03 17.87
CA ASN B 44 -10.63 11.53 16.61
C ASN B 44 -9.63 11.60 15.46
N GLU B 45 -8.47 12.20 15.69
CA GLU B 45 -7.46 12.27 14.63
C GLU B 45 -7.24 10.85 14.10
N VAL B 46 -7.10 9.92 15.03
CA VAL B 46 -6.91 8.51 14.67
C VAL B 46 -8.08 8.07 13.79
N THR B 47 -9.31 8.34 14.24
CA THR B 47 -10.49 7.97 13.48
C THR B 47 -10.46 8.66 12.11
N GLU B 48 -10.16 9.96 12.12
CA GLU B 48 -10.09 10.73 10.88
C GLU B 48 -9.07 10.08 9.94
N PHE B 49 -8.03 9.49 10.51
CA PHE B 49 -6.99 8.83 9.73
C PHE B 49 -7.48 7.44 9.29
N ALA B 50 -8.39 6.87 10.08
CA ALA B 50 -8.92 5.55 9.80
C ALA B 50 -9.75 5.50 8.52
N LYS B 51 -10.55 6.54 8.30
CA LYS B 51 -11.42 6.61 7.12
C LYS B 51 -10.65 6.77 5.80
N THR B 52 -9.62 7.60 5.83
CA THR B 52 -8.80 7.84 4.65
C THR B 52 -7.98 6.60 4.29
N CYS B 53 -8.21 5.52 5.03
CA CYS B 53 -7.49 4.27 4.79
C CYS B 53 -8.48 3.16 4.44
N VAL B 54 -9.69 3.26 4.98
CA VAL B 54 -10.72 2.26 4.75
C VAL B 54 -10.90 1.91 3.27
N ALA B 55 -11.58 2.79 2.53
CA ALA B 55 -11.79 2.56 1.12
C ALA B 55 -10.53 2.93 0.36
N ASP B 56 -9.99 4.10 0.68
CA ASP B 56 -8.77 4.60 0.05
C ASP B 56 -7.60 3.76 0.55
N GLU B 57 -7.27 2.70 -0.16
CA GLU B 57 -6.18 1.82 0.26
C GLU B 57 -4.84 2.55 0.30
N SER B 58 -3.74 1.79 0.29
CA SER B 58 -2.38 2.32 0.34
C SER B 58 -2.29 3.85 0.25
N ALA B 59 -2.34 4.50 1.40
CA ALA B 59 -2.26 5.95 1.46
C ALA B 59 -0.96 6.36 2.15
N GLU B 60 -1.03 7.39 2.99
CA GLU B 60 0.14 7.87 3.72
C GLU B 60 0.83 6.76 4.53
N ASN B 61 0.24 6.39 5.67
CA ASN B 61 0.82 5.35 6.52
C ASN B 61 -0.19 4.24 6.80
N CYS B 62 -1.09 4.02 5.86
CA CYS B 62 -2.10 2.99 6.02
C CYS B 62 -1.47 1.59 6.04
N ASP B 63 -0.17 1.52 5.75
CA ASP B 63 0.53 0.24 5.74
C ASP B 63 1.12 -0.11 7.09
N LYS B 64 1.30 0.91 7.93
CA LYS B 64 1.85 0.71 9.27
C LYS B 64 0.99 -0.21 10.14
N SER B 65 1.53 -0.58 11.29
CA SER B 65 0.88 -1.46 12.24
C SER B 65 0.15 -0.64 13.29
N LEU B 66 -0.79 -1.27 13.97
CA LEU B 66 -1.55 -0.60 15.00
C LEU B 66 -0.61 -0.02 16.04
N HIS B 67 0.15 -0.88 16.71
CA HIS B 67 1.08 -0.41 17.72
C HIS B 67 1.81 0.87 17.30
N THR B 68 2.49 0.81 16.17
CA THR B 68 3.22 1.96 15.64
C THR B 68 2.35 3.23 15.62
N LEU B 69 1.28 3.19 14.85
CA LEU B 69 0.39 4.34 14.73
C LEU B 69 0.02 4.87 16.11
N PHE B 70 -0.60 4.01 16.91
CA PHE B 70 -1.04 4.35 18.26
C PHE B 70 0.11 4.85 19.10
N GLY B 71 1.29 4.27 18.89
CA GLY B 71 2.46 4.68 19.66
C GLY B 71 2.84 6.12 19.39
N ASP B 72 3.02 6.45 18.11
CA ASP B 72 3.39 7.81 17.73
C ASP B 72 2.39 8.84 18.25
N LYS B 73 1.09 8.54 18.11
CA LYS B 73 0.06 9.46 18.57
C LYS B 73 0.24 9.85 20.02
N LEU B 74 0.42 8.84 20.87
CA LEU B 74 0.60 9.07 22.30
C LEU B 74 1.87 9.86 22.60
N CYS B 75 2.94 9.53 21.91
CA CYS B 75 4.21 10.21 22.13
C CYS B 75 4.16 11.70 21.76
N THR B 76 2.95 12.20 21.51
CA THR B 76 2.77 13.60 21.18
C THR B 76 2.51 14.35 22.47
N ASP B 89 11.07 8.05 28.31
CA ASP B 89 11.66 6.72 28.22
C ASP B 89 11.02 5.91 27.09
N CYS B 90 9.80 5.43 27.34
CA CYS B 90 9.05 4.60 26.38
C CYS B 90 9.05 5.07 24.94
N CYS B 91 8.90 6.38 24.74
CA CYS B 91 8.88 6.93 23.40
C CYS B 91 10.26 6.93 22.74
N ALA B 92 11.29 7.17 23.54
CA ALA B 92 12.65 7.17 23.02
C ALA B 92 12.94 5.84 22.33
N LYS B 93 12.16 4.81 22.64
CA LYS B 93 12.35 3.49 22.05
C LYS B 93 11.51 3.29 20.80
N GLN B 94 11.62 2.11 20.22
CA GLN B 94 10.89 1.74 19.01
C GLN B 94 10.20 0.40 19.26
N GLU B 95 9.15 0.12 18.50
CA GLU B 95 8.42 -1.13 18.67
C GLU B 95 9.34 -2.32 18.39
N PRO B 96 9.17 -3.44 19.12
CA PRO B 96 8.18 -3.60 20.20
C PRO B 96 8.61 -2.95 21.49
N GLU B 97 9.90 -2.64 21.60
CA GLU B 97 10.45 -2.01 22.80
C GLU B 97 9.57 -0.87 23.31
N ARG B 98 9.23 0.06 22.42
CA ARG B 98 8.39 1.19 22.79
C ARG B 98 7.08 0.70 23.38
N ASN B 99 6.46 -0.27 22.70
CA ASN B 99 5.18 -0.84 23.13
C ASN B 99 5.15 -1.47 24.51
N GLU B 100 5.88 -2.57 24.68
CA GLU B 100 5.94 -3.27 25.96
C GLU B 100 6.42 -2.35 27.08
N CYS B 101 6.92 -1.19 26.70
CA CYS B 101 7.39 -0.21 27.66
C CYS B 101 6.17 0.46 28.31
N PHE B 102 5.13 0.72 27.51
CA PHE B 102 3.90 1.32 28.02
C PHE B 102 3.25 0.28 28.91
N LEU B 103 3.08 -0.93 28.37
CA LEU B 103 2.45 -2.06 29.08
C LEU B 103 3.04 -2.30 30.47
N GLN B 104 4.35 -2.47 30.54
CA GLN B 104 5.05 -2.70 31.79
C GLN B 104 4.97 -1.46 32.67
N HIS B 105 4.23 -0.45 32.21
CA HIS B 105 4.09 0.79 32.96
C HIS B 105 2.70 1.10 33.50
N LYS B 106 1.73 0.24 33.20
CA LYS B 106 0.39 0.43 33.69
C LYS B 106 0.46 0.53 35.21
N ASP B 107 -0.51 1.20 35.83
CA ASP B 107 -0.50 1.32 37.29
C ASP B 107 -1.81 0.76 37.79
N ASP B 108 -1.75 -0.25 38.65
CA ASP B 108 -2.93 -0.89 39.21
C ASP B 108 -3.57 -0.07 40.30
N ASN B 109 -2.77 0.78 40.94
CA ASN B 109 -3.27 1.61 42.03
C ASN B 109 -2.89 3.08 41.82
N PRO B 110 -3.35 3.66 40.71
CA PRO B 110 -3.05 5.06 40.42
C PRO B 110 -3.45 5.96 41.58
N ASN B 111 -2.86 7.15 41.61
CA ASN B 111 -3.18 8.10 42.65
C ASN B 111 -4.01 9.19 42.02
N LEU B 112 -5.26 8.87 41.73
CA LEU B 112 -6.18 9.82 41.13
C LEU B 112 -7.23 10.25 42.15
N PRO B 113 -7.84 11.42 41.96
CA PRO B 113 -8.87 11.92 42.89
C PRO B 113 -10.04 10.96 42.91
N ARG B 114 -10.52 10.59 44.09
CA ARG B 114 -11.66 9.68 44.18
C ARG B 114 -12.79 10.17 43.27
N LEU B 115 -13.60 9.24 42.77
CA LEU B 115 -14.71 9.61 41.90
C LEU B 115 -16.00 9.88 42.67
N VAL B 116 -16.36 11.15 42.78
CA VAL B 116 -17.58 11.57 43.49
C VAL B 116 -18.77 11.71 42.53
N ARG B 117 -19.86 11.01 42.82
CA ARG B 117 -21.06 11.06 41.98
C ARG B 117 -21.99 12.22 42.36
N PRO B 118 -21.93 13.33 41.60
CA PRO B 118 -22.79 14.49 41.89
C PRO B 118 -24.28 14.16 42.05
N GLU B 119 -25.08 15.20 42.23
CA GLU B 119 -26.53 15.07 42.41
C GLU B 119 -27.19 14.50 41.19
N VAL B 120 -28.27 13.76 41.40
CA VAL B 120 -29.00 13.17 40.29
C VAL B 120 -29.33 14.23 39.24
N ASP B 121 -29.52 15.46 39.70
CA ASP B 121 -29.87 16.54 38.78
C ASP B 121 -28.67 16.97 37.93
N VAL B 122 -27.53 17.22 38.59
CA VAL B 122 -26.32 17.65 37.90
C VAL B 122 -26.01 16.71 36.73
N MET B 123 -25.96 15.41 37.01
CA MET B 123 -25.68 14.42 35.99
C MET B 123 -26.68 14.47 34.83
N CYS B 124 -27.96 14.27 35.13
CA CYS B 124 -28.99 14.31 34.10
C CYS B 124 -28.83 15.51 33.18
N THR B 125 -28.54 16.68 33.75
CA THR B 125 -28.36 17.88 32.94
C THR B 125 -27.19 17.62 32.01
N ALA B 126 -26.07 17.20 32.58
CA ALA B 126 -24.87 16.90 31.82
C ALA B 126 -25.15 15.85 30.74
N PHE B 127 -25.91 14.83 31.11
CA PHE B 127 -26.25 13.80 30.15
C PHE B 127 -26.91 14.42 28.92
N HIS B 128 -27.96 15.22 29.13
CA HIS B 128 -28.70 15.84 28.03
C HIS B 128 -27.94 16.89 27.18
N ASP B 129 -27.19 17.76 27.84
CA ASP B 129 -26.45 18.78 27.13
C ASP B 129 -25.55 18.17 26.08
N ASN B 130 -24.78 17.17 26.49
CA ASN B 130 -23.86 16.49 25.59
C ASN B 130 -23.67 15.09 26.15
N GLU B 131 -24.46 14.15 25.64
CA GLU B 131 -24.41 12.76 26.08
C GLU B 131 -23.37 11.96 25.32
N GLU B 132 -22.83 12.57 24.27
CA GLU B 132 -21.82 11.89 23.50
C GLU B 132 -20.51 12.08 24.24
N THR B 133 -20.41 13.18 24.98
CA THR B 133 -19.21 13.46 25.76
C THR B 133 -19.38 12.86 27.15
N PHE B 134 -20.64 12.65 27.52
CA PHE B 134 -20.99 12.11 28.83
C PHE B 134 -20.49 10.67 28.94
N LEU B 135 -20.83 9.84 27.95
CA LEU B 135 -20.41 8.46 27.94
C LEU B 135 -18.89 8.31 27.72
N LYS B 136 -18.32 9.11 26.82
CA LYS B 136 -16.87 9.05 26.56
C LYS B 136 -16.15 9.30 27.87
N LYS B 137 -16.73 10.16 28.71
CA LYS B 137 -16.13 10.47 30.00
C LYS B 137 -16.17 9.23 30.88
N TYR B 138 -17.28 8.51 30.82
CA TYR B 138 -17.43 7.28 31.59
C TYR B 138 -16.29 6.35 31.26
N LEU B 139 -16.19 5.97 29.99
CA LEU B 139 -15.14 5.06 29.58
C LEU B 139 -13.76 5.55 30.00
N TYR B 140 -13.47 6.82 29.74
CA TYR B 140 -12.16 7.37 30.14
C TYR B 140 -11.89 7.25 31.64
N GLU B 141 -12.85 7.62 32.46
CA GLU B 141 -12.67 7.55 33.91
C GLU B 141 -12.57 6.11 34.42
N ILE B 142 -13.18 5.17 33.72
CA ILE B 142 -13.14 3.77 34.13
C ILE B 142 -11.92 3.04 33.59
N ALA B 143 -11.56 3.31 32.35
CA ALA B 143 -10.43 2.65 31.73
C ALA B 143 -9.07 2.99 32.32
N ARG B 144 -8.94 4.18 32.90
CA ARG B 144 -7.65 4.57 33.45
C ARG B 144 -7.39 4.16 34.89
N ARG B 145 -8.46 3.86 35.62
CA ARG B 145 -8.32 3.44 37.01
C ARG B 145 -8.32 1.93 37.05
N HIS B 146 -8.64 1.33 35.90
CA HIS B 146 -8.68 -0.12 35.77
C HIS B 146 -8.00 -0.50 34.45
N PRO B 147 -6.70 -0.18 34.32
CA PRO B 147 -5.88 -0.45 33.13
C PRO B 147 -5.88 -1.88 32.57
N TYR B 148 -6.68 -2.77 33.15
CA TYR B 148 -6.76 -4.14 32.65
C TYR B 148 -8.21 -4.55 32.42
N PHE B 149 -9.13 -3.61 32.56
CA PHE B 149 -10.55 -3.89 32.35
C PHE B 149 -10.72 -4.54 30.98
N TYR B 150 -11.47 -5.62 30.92
CA TYR B 150 -11.74 -6.35 29.68
C TYR B 150 -12.52 -5.44 28.74
N ALA B 151 -11.82 -4.81 27.81
CA ALA B 151 -12.39 -3.87 26.83
C ALA B 151 -13.81 -4.14 26.33
N PRO B 152 -14.04 -5.28 25.67
CA PRO B 152 -15.39 -5.58 25.17
C PRO B 152 -16.52 -5.44 26.20
N GLU B 153 -16.29 -5.95 27.41
CA GLU B 153 -17.28 -5.90 28.50
C GLU B 153 -17.55 -4.46 28.94
N LEU B 154 -16.59 -3.58 28.70
CA LEU B 154 -16.74 -2.18 29.11
C LEU B 154 -17.70 -1.45 28.16
N LEU B 155 -17.79 -1.93 26.92
CA LEU B 155 -18.70 -1.33 25.96
C LEU B 155 -20.10 -1.67 26.41
N PHE B 156 -20.30 -2.94 26.78
CA PHE B 156 -21.58 -3.43 27.28
C PHE B 156 -21.91 -2.68 28.58
N PHE B 157 -20.90 -2.35 29.37
CA PHE B 157 -21.10 -1.62 30.62
C PHE B 157 -21.44 -0.16 30.35
N ALA B 158 -21.06 0.29 29.16
CA ALA B 158 -21.32 1.65 28.72
C ALA B 158 -22.76 1.71 28.24
N LYS B 159 -23.20 0.66 27.55
CA LYS B 159 -24.57 0.58 27.06
C LYS B 159 -25.50 0.63 28.26
N ARG B 160 -25.37 -0.32 29.17
CA ARG B 160 -26.21 -0.33 30.36
C ARG B 160 -26.21 1.05 31.05
N TYR B 161 -25.02 1.63 31.25
CA TYR B 161 -24.91 2.93 31.90
C TYR B 161 -25.82 3.93 31.18
N LYS B 162 -25.76 3.91 29.86
CA LYS B 162 -26.55 4.81 29.04
C LYS B 162 -28.03 4.60 29.35
N ALA B 163 -28.52 3.39 29.13
CA ALA B 163 -29.92 3.07 29.36
C ALA B 163 -30.34 3.32 30.80
N ALA B 164 -29.39 3.63 31.66
CA ALA B 164 -29.70 3.90 33.06
C ALA B 164 -30.19 5.33 33.15
N PHE B 165 -29.39 6.23 32.59
CA PHE B 165 -29.73 7.64 32.59
C PHE B 165 -30.95 7.94 31.73
N THR B 166 -31.06 7.29 30.57
CA THR B 166 -32.20 7.51 29.68
C THR B 166 -33.53 7.21 30.39
N GLU B 167 -33.57 6.11 31.13
CA GLU B 167 -34.78 5.73 31.85
C GLU B 167 -35.02 6.64 33.06
N CYS B 168 -34.02 6.79 33.91
CA CYS B 168 -34.18 7.61 35.11
C CYS B 168 -34.24 9.13 34.98
N CYS B 169 -33.59 9.72 33.98
CA CYS B 169 -33.62 11.18 33.89
C CYS B 169 -34.94 11.81 33.43
N GLN B 170 -36.00 11.01 33.39
CA GLN B 170 -37.32 11.48 33.03
C GLN B 170 -38.36 10.82 33.93
N ALA B 171 -38.01 10.61 35.19
CA ALA B 171 -38.89 9.97 36.16
C ALA B 171 -39.23 10.87 37.33
N ALA B 172 -40.44 10.71 37.87
CA ALA B 172 -40.89 11.51 39.00
C ALA B 172 -39.74 11.68 39.97
N ASP B 173 -39.19 10.56 40.40
CA ASP B 173 -38.08 10.56 41.35
C ASP B 173 -36.85 9.99 40.66
N LYS B 174 -36.21 10.82 39.83
CA LYS B 174 -35.00 10.42 39.10
C LYS B 174 -33.95 9.84 40.03
N ALA B 175 -33.82 10.45 41.21
CA ALA B 175 -32.84 10.01 42.20
C ALA B 175 -33.06 8.56 42.63
N ALA B 176 -34.21 8.30 43.24
CA ALA B 176 -34.54 6.96 43.72
C ALA B 176 -34.53 5.93 42.60
N CYS B 177 -34.36 6.41 41.38
CA CYS B 177 -34.35 5.53 40.21
C CYS B 177 -32.93 5.23 39.72
N LEU B 178 -32.05 6.22 39.74
CA LEU B 178 -30.68 6.05 39.28
C LEU B 178 -29.69 5.56 40.34
N LEU B 179 -29.81 6.05 41.56
CA LEU B 179 -28.91 5.63 42.62
C LEU B 179 -28.75 4.10 42.65
N PRO B 180 -29.88 3.36 42.70
CA PRO B 180 -29.87 1.89 42.72
C PRO B 180 -29.31 1.22 41.46
N LYS B 181 -29.53 1.83 40.30
CA LYS B 181 -29.03 1.30 39.03
C LYS B 181 -27.54 1.58 38.90
N LEU B 182 -27.14 2.79 39.26
CA LEU B 182 -25.75 3.22 39.19
C LEU B 182 -24.88 2.43 40.18
N ASP B 183 -25.45 2.13 41.36
CA ASP B 183 -24.74 1.36 42.38
C ASP B 183 -24.46 -0.05 41.85
N GLU B 184 -25.52 -0.79 41.57
CA GLU B 184 -25.41 -2.15 41.06
C GLU B 184 -24.43 -2.20 39.89
N LEU B 185 -24.18 -1.05 39.29
CA LEU B 185 -23.26 -0.99 38.17
C LEU B 185 -21.83 -0.84 38.66
N ARG B 186 -21.65 -0.07 39.73
CA ARG B 186 -20.32 0.14 40.30
C ARG B 186 -19.75 -1.22 40.69
N ASP B 187 -20.39 -1.87 41.67
CA ASP B 187 -19.97 -3.18 42.16
C ASP B 187 -19.67 -4.20 41.05
N GLU B 188 -20.66 -4.51 40.23
CA GLU B 188 -20.47 -5.47 39.16
C GLU B 188 -19.26 -5.13 38.30
N GLY B 189 -18.98 -3.84 38.17
CA GLY B 189 -17.84 -3.44 37.37
C GLY B 189 -16.55 -3.72 38.11
N LYS B 190 -16.56 -3.52 39.41
CA LYS B 190 -15.38 -3.77 40.23
C LYS B 190 -15.04 -5.27 40.25
N ALA B 191 -16.08 -6.11 40.17
CA ALA B 191 -15.89 -7.55 40.16
C ALA B 191 -15.43 -7.91 38.76
N SER B 192 -15.94 -7.18 37.77
CA SER B 192 -15.56 -7.45 36.40
C SER B 192 -14.07 -7.22 36.21
N SER B 193 -13.60 -6.09 36.75
CA SER B 193 -12.20 -5.74 36.66
C SER B 193 -11.29 -6.73 37.38
N ALA B 194 -11.73 -7.23 38.53
CA ALA B 194 -10.96 -8.19 39.29
C ALA B 194 -10.74 -9.50 38.50
N LYS B 195 -11.82 -10.18 38.14
CA LYS B 195 -11.71 -11.41 37.37
C LYS B 195 -10.75 -11.26 36.18
N GLN B 196 -10.86 -10.16 35.44
CA GLN B 196 -9.98 -9.97 34.28
C GLN B 196 -8.53 -9.85 34.73
N ARG B 197 -8.30 -9.15 35.84
CA ARG B 197 -6.94 -8.98 36.34
C ARG B 197 -6.32 -10.35 36.63
N LEU B 198 -7.14 -11.28 37.10
CA LEU B 198 -6.66 -12.62 37.39
C LEU B 198 -6.27 -13.31 36.07
N LYS B 199 -7.08 -13.08 35.03
CA LYS B 199 -6.82 -13.66 33.70
C LYS B 199 -5.53 -13.10 33.16
N CYS B 200 -5.36 -11.79 33.33
CA CYS B 200 -4.16 -11.18 32.82
C CYS B 200 -2.99 -11.54 33.68
N ALA B 201 -3.22 -11.75 34.97
CA ALA B 201 -2.13 -12.10 35.89
C ALA B 201 -1.60 -13.49 35.58
N SER B 202 -2.51 -14.39 35.20
CA SER B 202 -2.14 -15.76 34.86
C SER B 202 -1.29 -15.81 33.62
N LEU B 203 -1.82 -15.24 32.54
CA LEU B 203 -1.12 -15.22 31.27
C LEU B 203 0.27 -14.63 31.41
N GLN B 204 0.35 -13.49 32.09
CA GLN B 204 1.61 -12.80 32.26
C GLN B 204 2.63 -13.46 33.20
N LYS B 205 2.20 -13.89 34.39
CA LYS B 205 3.13 -14.46 35.35
C LYS B 205 3.36 -15.95 35.23
N PHE B 206 2.33 -16.71 34.89
CA PHE B 206 2.44 -18.16 34.82
C PHE B 206 2.46 -18.80 33.43
N GLY B 207 2.19 -18.02 32.40
CA GLY B 207 2.23 -18.56 31.06
C GLY B 207 0.92 -19.05 30.50
N GLU B 208 1.01 -19.44 29.23
CA GLU B 208 -0.13 -19.94 28.46
C GLU B 208 -0.61 -21.27 29.03
N ARG B 209 0.31 -22.18 29.28
CA ARG B 209 -0.04 -23.48 29.83
C ARG B 209 -0.95 -23.37 31.06
N ALA B 210 -0.75 -22.32 31.86
CA ALA B 210 -1.56 -22.12 33.05
C ALA B 210 -2.97 -21.69 32.67
N PHE B 211 -3.07 -20.64 31.87
CA PHE B 211 -4.37 -20.14 31.43
C PHE B 211 -5.21 -21.21 30.77
N LYS B 212 -4.57 -21.97 29.87
CA LYS B 212 -5.25 -23.02 29.12
C LYS B 212 -5.81 -24.06 30.06
N ALA B 213 -5.01 -24.43 31.05
CA ALA B 213 -5.44 -25.42 32.02
C ALA B 213 -6.73 -24.95 32.67
N TRP B 214 -6.66 -23.77 33.27
CA TRP B 214 -7.82 -23.15 33.92
C TRP B 214 -9.03 -23.15 32.98
N ALA B 215 -8.81 -22.74 31.73
CA ALA B 215 -9.89 -22.69 30.73
C ALA B 215 -10.46 -24.06 30.41
N VAL B 216 -9.61 -25.08 30.34
CA VAL B 216 -10.12 -26.41 30.03
C VAL B 216 -11.06 -26.83 31.15
N ALA B 217 -10.58 -26.74 32.39
CA ALA B 217 -11.40 -27.12 33.51
C ALA B 217 -12.69 -26.33 33.54
N ARG B 218 -12.59 -25.02 33.41
CA ARG B 218 -13.78 -24.20 33.48
C ARG B 218 -14.85 -24.49 32.42
N LEU B 219 -14.46 -24.55 31.15
CA LEU B 219 -15.44 -24.80 30.09
C LEU B 219 -16.00 -26.21 30.14
N SER B 220 -15.17 -27.17 30.55
CA SER B 220 -15.61 -28.56 30.66
C SER B 220 -16.72 -28.70 31.69
N GLN B 221 -16.74 -27.79 32.67
CA GLN B 221 -17.78 -27.80 33.71
C GLN B 221 -19.04 -27.23 33.08
N ARG B 222 -18.87 -26.16 32.31
CA ARG B 222 -19.97 -25.46 31.65
C ARG B 222 -20.58 -26.21 30.47
N PHE B 223 -19.75 -26.84 29.65
CA PHE B 223 -20.23 -27.60 28.49
C PHE B 223 -19.87 -29.08 28.65
N PRO B 224 -20.47 -29.74 29.65
CA PRO B 224 -20.22 -31.16 29.94
C PRO B 224 -20.56 -32.12 28.80
N LYS B 225 -21.35 -31.68 27.83
CA LYS B 225 -21.71 -32.55 26.72
C LYS B 225 -20.72 -32.47 25.57
N ALA B 226 -20.11 -31.30 25.39
CA ALA B 226 -19.16 -31.09 24.32
C ALA B 226 -18.03 -32.12 24.33
N GLU B 227 -17.52 -32.44 23.14
CA GLU B 227 -16.41 -33.38 23.00
C GLU B 227 -15.08 -32.66 23.26
N PHE B 228 -14.12 -33.41 23.79
CA PHE B 228 -12.82 -32.86 24.12
C PHE B 228 -12.13 -32.09 23.00
N ALA B 229 -12.45 -32.39 21.75
CA ALA B 229 -11.84 -31.70 20.62
C ALA B 229 -12.54 -30.36 20.38
N GLU B 230 -13.79 -30.27 20.85
CA GLU B 230 -14.55 -29.06 20.69
C GLU B 230 -14.07 -28.10 21.78
N VAL B 231 -14.02 -28.60 23.02
CA VAL B 231 -13.55 -27.82 24.14
C VAL B 231 -12.19 -27.23 23.80
N SER B 232 -11.25 -28.09 23.44
CA SER B 232 -9.91 -27.66 23.11
C SER B 232 -9.92 -26.54 22.09
N LYS B 233 -10.76 -26.68 21.07
CA LYS B 233 -10.90 -25.67 20.01
C LYS B 233 -11.32 -24.34 20.64
N LEU B 234 -12.38 -24.39 21.46
CA LEU B 234 -12.86 -23.20 22.15
C LEU B 234 -11.70 -22.59 22.94
N VAL B 235 -11.14 -23.38 23.85
CA VAL B 235 -10.02 -22.93 24.66
C VAL B 235 -8.94 -22.17 23.87
N THR B 236 -8.55 -22.71 22.72
CA THR B 236 -7.52 -22.07 21.90
C THR B 236 -7.91 -20.65 21.46
N ASP B 237 -9.16 -20.50 21.03
CA ASP B 237 -9.62 -19.19 20.60
C ASP B 237 -9.69 -18.26 21.79
N LEU B 238 -10.35 -18.73 22.85
CA LEU B 238 -10.51 -17.96 24.09
C LEU B 238 -9.17 -17.49 24.65
N THR B 239 -8.13 -18.27 24.44
CA THR B 239 -6.80 -17.90 24.91
C THR B 239 -6.25 -16.75 24.09
N LYS B 240 -6.55 -16.76 22.78
CA LYS B 240 -6.08 -15.69 21.89
C LYS B 240 -6.73 -14.36 22.24
N VAL B 241 -8.04 -14.40 22.48
CA VAL B 241 -8.80 -13.20 22.82
C VAL B 241 -8.18 -12.47 23.99
N HIS B 242 -8.04 -13.21 25.09
CA HIS B 242 -7.49 -12.66 26.32
C HIS B 242 -6.02 -12.32 26.23
N THR B 243 -5.30 -13.05 25.39
CA THR B 243 -3.89 -12.79 25.17
C THR B 243 -3.79 -11.41 24.53
N GLU B 244 -4.75 -11.13 23.65
CA GLU B 244 -4.79 -9.85 22.96
C GLU B 244 -5.27 -8.72 23.87
N CYS B 245 -6.38 -8.93 24.57
CA CYS B 245 -6.83 -7.88 25.45
C CYS B 245 -5.74 -7.53 26.48
N CYS B 246 -5.30 -8.52 27.25
CA CYS B 246 -4.28 -8.23 28.25
C CYS B 246 -3.05 -7.51 27.68
N HIS B 247 -2.56 -7.91 26.52
CA HIS B 247 -1.39 -7.28 25.91
C HIS B 247 -1.65 -5.87 25.34
N GLY B 248 -2.91 -5.46 25.28
CA GLY B 248 -3.22 -4.12 24.76
C GLY B 248 -3.79 -4.05 23.34
N ASP B 249 -3.84 -5.18 22.64
CA ASP B 249 -4.36 -5.25 21.28
C ASP B 249 -5.89 -5.30 21.33
N LEU B 250 -6.45 -4.27 21.96
CA LEU B 250 -7.88 -4.13 22.16
C LEU B 250 -8.79 -4.33 20.96
N LEU B 251 -8.43 -3.79 19.80
CA LEU B 251 -9.30 -3.99 18.67
C LEU B 251 -9.38 -5.48 18.35
N GLU B 252 -8.23 -6.09 18.06
CA GLU B 252 -8.16 -7.52 17.73
C GLU B 252 -8.93 -8.34 18.77
N CYS B 253 -8.73 -8.00 20.04
CA CYS B 253 -9.42 -8.68 21.12
C CYS B 253 -10.92 -8.58 20.95
N ALA B 254 -11.36 -7.41 20.49
CA ALA B 254 -12.78 -7.17 20.29
C ALA B 254 -13.30 -7.91 19.06
N ASP B 255 -12.59 -7.78 17.95
CA ASP B 255 -13.00 -8.45 16.73
C ASP B 255 -13.07 -9.95 16.99
N ASP B 256 -11.98 -10.49 17.52
CA ASP B 256 -11.88 -11.90 17.82
C ASP B 256 -12.88 -12.44 18.82
N ARG B 257 -13.31 -11.61 19.75
CA ARG B 257 -14.27 -12.06 20.74
C ARG B 257 -15.60 -12.21 20.05
N ALA B 258 -15.80 -11.38 19.03
CA ALA B 258 -17.03 -11.37 18.24
C ALA B 258 -17.21 -12.66 17.42
N ASP B 259 -16.23 -12.96 16.58
CA ASP B 259 -16.27 -14.16 15.76
C ASP B 259 -16.61 -15.37 16.64
N LEU B 260 -15.78 -15.63 17.65
CA LEU B 260 -16.02 -16.76 18.55
C LEU B 260 -17.44 -16.79 19.12
N ALA B 261 -18.06 -15.62 19.26
CA ALA B 261 -19.42 -15.55 19.76
C ALA B 261 -20.29 -16.06 18.63
N LYS B 262 -19.95 -15.65 17.42
CA LYS B 262 -20.68 -16.08 16.22
C LYS B 262 -20.59 -17.59 16.14
N TYR B 263 -19.35 -18.07 16.14
CA TYR B 263 -19.08 -19.50 16.07
C TYR B 263 -19.91 -20.29 17.07
N ILE B 264 -19.67 -20.07 18.36
CA ILE B 264 -20.40 -20.79 19.40
C ILE B 264 -21.89 -20.88 19.15
N CYS B 265 -22.50 -19.78 18.72
CA CYS B 265 -23.94 -19.83 18.46
C CYS B 265 -24.28 -20.71 17.26
N GLU B 266 -23.40 -20.71 16.26
CA GLU B 266 -23.57 -21.52 15.05
C GLU B 266 -23.46 -23.03 15.31
N ASN B 267 -23.01 -23.40 16.50
CA ASN B 267 -22.87 -24.81 16.84
C ASN B 267 -23.46 -25.10 18.19
N GLN B 268 -24.52 -24.38 18.54
CA GLN B 268 -25.18 -24.59 19.83
C GLN B 268 -25.43 -26.04 20.23
N ASP B 269 -26.08 -26.80 19.37
CA ASP B 269 -26.39 -28.19 19.69
C ASP B 269 -25.17 -29.05 20.06
N SER B 270 -24.03 -28.76 19.44
CA SER B 270 -22.80 -29.52 19.73
C SER B 270 -22.06 -29.02 20.98
N ILE B 271 -22.51 -27.93 21.57
CA ILE B 271 -21.87 -27.36 22.74
C ILE B 271 -22.71 -27.37 24.01
N SER B 272 -23.60 -26.40 24.15
CA SER B 272 -24.45 -26.32 25.34
C SER B 272 -25.92 -26.15 24.96
N SER B 273 -26.82 -26.54 25.84
CA SER B 273 -28.25 -26.42 25.57
C SER B 273 -28.79 -25.17 26.27
N LYS B 274 -27.93 -24.49 27.01
CA LYS B 274 -28.32 -23.31 27.75
C LYS B 274 -27.99 -22.02 27.00
N LEU B 275 -27.40 -22.16 25.82
CA LEU B 275 -27.01 -21.00 25.02
C LEU B 275 -28.13 -20.36 24.19
N LYS B 276 -29.23 -21.09 24.01
CA LYS B 276 -30.36 -20.59 23.21
C LYS B 276 -30.61 -19.11 23.46
N GLU B 277 -31.18 -18.81 24.63
CA GLU B 277 -31.50 -17.44 25.04
C GLU B 277 -30.41 -16.44 24.63
N CYS B 278 -29.19 -16.69 25.07
CA CYS B 278 -28.06 -15.84 24.76
C CYS B 278 -27.92 -15.45 23.28
N CYS B 279 -27.92 -16.45 22.42
CA CYS B 279 -27.73 -16.25 20.99
C CYS B 279 -28.81 -15.39 20.30
N GLU B 280 -29.86 -15.06 21.04
CA GLU B 280 -30.93 -14.21 20.50
C GLU B 280 -30.44 -12.76 20.57
N LYS B 281 -30.03 -12.35 21.77
CA LYS B 281 -29.55 -10.99 22.06
C LYS B 281 -28.60 -10.40 21.00
N PRO B 282 -28.33 -9.08 21.08
CA PRO B 282 -27.44 -8.36 20.16
C PRO B 282 -25.96 -8.68 20.47
N LEU B 283 -25.08 -8.40 19.51
CA LEU B 283 -23.66 -8.68 19.70
C LEU B 283 -23.21 -8.58 21.16
N LEU B 284 -23.07 -7.36 21.68
CA LEU B 284 -22.63 -7.19 23.06
C LEU B 284 -23.33 -8.06 24.08
N GLU B 285 -24.65 -7.95 24.17
CA GLU B 285 -25.41 -8.75 25.13
C GLU B 285 -25.22 -10.23 24.82
N LYS B 286 -24.81 -10.51 23.59
CA LYS B 286 -24.59 -11.89 23.14
C LYS B 286 -23.36 -12.44 23.87
N SER B 287 -22.21 -11.79 23.65
CA SER B 287 -20.96 -12.20 24.26
C SER B 287 -21.04 -12.24 25.78
N HIS B 288 -21.33 -11.10 26.40
CA HIS B 288 -21.45 -11.04 27.85
C HIS B 288 -22.30 -12.18 28.41
N CYS B 289 -23.40 -12.48 27.72
CA CYS B 289 -24.33 -13.53 28.12
C CYS B 289 -23.62 -14.88 28.21
N ILE B 290 -23.02 -15.28 27.09
CA ILE B 290 -22.29 -16.53 26.92
C ILE B 290 -21.25 -16.78 28.02
N ALA B 291 -20.50 -15.74 28.35
CA ALA B 291 -19.45 -15.83 29.37
C ALA B 291 -19.98 -16.02 30.78
N GLU B 292 -21.29 -16.02 30.96
CA GLU B 292 -21.86 -16.18 32.28
C GLU B 292 -22.99 -17.21 32.33
N VAL B 293 -23.21 -17.89 31.21
CA VAL B 293 -24.26 -18.89 31.07
C VAL B 293 -24.10 -20.06 32.02
N GLU B 294 -25.19 -20.49 32.65
CA GLU B 294 -25.15 -21.61 33.60
C GLU B 294 -24.55 -22.88 32.96
N ASN B 295 -24.15 -23.83 33.81
CA ASN B 295 -23.57 -25.10 33.34
C ASN B 295 -24.64 -25.97 32.70
N ASP B 296 -24.28 -26.67 31.64
CA ASP B 296 -25.24 -27.56 30.99
C ASP B 296 -25.43 -28.79 31.89
N GLU B 297 -26.56 -29.47 31.75
CA GLU B 297 -26.82 -30.64 32.56
C GLU B 297 -25.72 -31.66 32.27
N MET B 298 -25.49 -32.56 33.21
CA MET B 298 -24.46 -33.56 33.06
C MET B 298 -24.92 -34.82 32.33
N PRO B 299 -24.24 -35.18 31.22
CA PRO B 299 -24.57 -36.37 30.43
C PRO B 299 -24.95 -37.57 31.30
N ALA B 300 -25.96 -38.29 30.83
CA ALA B 300 -26.52 -39.45 31.51
C ALA B 300 -25.55 -40.46 32.10
N ASP B 301 -25.16 -41.43 31.29
CA ASP B 301 -24.29 -42.51 31.71
C ASP B 301 -22.83 -42.38 31.32
N LEU B 302 -22.04 -41.79 32.23
CA LEU B 302 -20.62 -41.60 32.03
C LEU B 302 -19.83 -42.69 32.73
N PRO B 303 -18.86 -43.29 32.03
CA PRO B 303 -18.03 -44.35 32.61
C PRO B 303 -17.23 -43.81 33.81
N SER B 304 -16.84 -44.71 34.71
CA SER B 304 -16.06 -44.30 35.88
C SER B 304 -14.70 -43.86 35.35
N LEU B 305 -14.03 -42.93 36.03
CA LEU B 305 -12.73 -42.47 35.53
C LEU B 305 -11.60 -43.47 35.76
N ALA B 306 -11.67 -44.21 36.87
CA ALA B 306 -10.65 -45.19 37.20
C ALA B 306 -10.34 -46.12 36.03
N ALA B 307 -11.33 -46.40 35.20
CA ALA B 307 -11.15 -47.30 34.06
C ALA B 307 -9.98 -46.97 33.14
N ASP B 308 -10.01 -45.78 32.54
CA ASP B 308 -8.96 -45.33 31.63
C ASP B 308 -7.77 -44.65 32.25
N PHE B 309 -7.92 -44.14 33.47
CA PHE B 309 -6.81 -43.44 34.08
C PHE B 309 -6.10 -44.12 35.22
N VAL B 310 -6.58 -45.29 35.64
CA VAL B 310 -5.92 -45.99 36.72
C VAL B 310 -5.88 -47.48 36.57
N GLU B 311 -6.97 -48.09 36.14
CA GLU B 311 -6.97 -49.53 35.93
C GLU B 311 -6.32 -49.90 34.60
N SER B 312 -6.44 -49.05 33.60
CA SER B 312 -5.82 -49.36 32.33
C SER B 312 -4.32 -49.59 32.57
N LYS B 313 -3.73 -50.44 31.76
CA LYS B 313 -2.31 -50.73 31.88
C LYS B 313 -1.53 -49.88 30.87
N ASP B 314 -2.26 -49.11 30.06
CA ASP B 314 -1.64 -48.25 29.06
C ASP B 314 -1.24 -46.89 29.62
N VAL B 315 -1.83 -46.49 30.73
CA VAL B 315 -1.56 -45.18 31.32
C VAL B 315 -0.17 -44.61 31.04
N CYS B 316 0.87 -45.22 31.61
CA CYS B 316 2.23 -44.73 31.42
C CYS B 316 2.64 -44.59 29.97
N LYS B 317 2.05 -45.40 29.08
CA LYS B 317 2.37 -45.33 27.66
C LYS B 317 1.75 -44.08 27.02
N ASN B 318 0.44 -43.92 27.19
CA ASN B 318 -0.26 -42.77 26.64
C ASN B 318 0.34 -41.48 27.21
N TYR B 319 0.75 -41.54 28.47
CA TYR B 319 1.36 -40.39 29.13
C TYR B 319 2.62 -39.94 28.40
N ALA B 320 3.51 -40.90 28.16
CA ALA B 320 4.79 -40.66 27.49
C ALA B 320 4.65 -40.21 26.04
N GLU B 321 3.61 -40.69 25.34
CA GLU B 321 3.38 -40.34 23.95
C GLU B 321 2.85 -38.92 23.81
N ALA B 322 2.06 -38.49 24.78
CA ALA B 322 1.52 -37.13 24.75
C ALA B 322 1.02 -36.68 26.12
N LYS B 323 1.96 -36.25 26.98
CA LYS B 323 1.60 -35.78 28.31
C LYS B 323 0.51 -34.69 28.27
N ASP B 324 0.64 -33.73 27.35
CA ASP B 324 -0.32 -32.64 27.22
C ASP B 324 -1.68 -33.21 26.95
N VAL B 325 -1.84 -33.79 25.76
CA VAL B 325 -3.13 -34.38 25.40
C VAL B 325 -3.62 -35.30 26.51
N PHE B 326 -2.74 -36.11 27.07
CA PHE B 326 -3.18 -37.02 28.12
C PHE B 326 -3.76 -36.29 29.33
N LEU B 327 -2.95 -35.46 29.97
CA LEU B 327 -3.41 -34.69 31.14
C LEU B 327 -4.52 -33.72 30.78
N GLY B 328 -4.53 -33.26 29.53
CA GLY B 328 -5.59 -32.36 29.11
C GLY B 328 -6.89 -33.15 29.06
N MET B 329 -6.79 -34.42 28.71
CA MET B 329 -7.98 -35.25 28.64
C MET B 329 -8.47 -35.65 30.04
N PHE B 330 -7.55 -35.88 30.96
CA PHE B 330 -7.92 -36.26 32.32
C PHE B 330 -8.64 -35.10 33.01
N LEU B 331 -8.11 -33.89 32.80
CA LEU B 331 -8.70 -32.71 33.41
C LEU B 331 -10.12 -32.56 32.92
N TYR B 332 -10.29 -32.66 31.60
CA TYR B 332 -11.60 -32.54 30.97
C TYR B 332 -12.63 -33.56 31.51
N GLU B 333 -12.23 -34.81 31.66
CA GLU B 333 -13.12 -35.85 32.17
C GLU B 333 -13.44 -35.68 33.64
N TYR B 334 -12.52 -35.13 34.42
CA TYR B 334 -12.75 -34.95 35.87
C TYR B 334 -13.62 -33.72 36.10
N ALA B 335 -13.42 -32.74 35.23
CA ALA B 335 -14.14 -31.48 35.28
C ALA B 335 -15.62 -31.69 35.00
N ARG B 336 -15.93 -32.14 33.78
CA ARG B 336 -17.29 -32.35 33.34
C ARG B 336 -18.11 -33.09 34.37
N ARG B 337 -17.49 -34.01 35.08
CA ARG B 337 -18.19 -34.78 36.09
C ARG B 337 -18.38 -34.07 37.42
N HIS B 338 -17.62 -32.98 37.64
CA HIS B 338 -17.69 -32.27 38.92
C HIS B 338 -17.96 -30.77 38.94
N PRO B 339 -19.22 -30.37 38.72
CA PRO B 339 -19.51 -28.93 38.74
C PRO B 339 -19.60 -28.41 40.17
N ASP B 340 -19.39 -29.31 41.12
CA ASP B 340 -19.45 -28.96 42.54
C ASP B 340 -18.05 -28.69 43.09
N TYR B 341 -17.06 -28.77 42.21
CA TYR B 341 -15.67 -28.53 42.59
C TYR B 341 -15.24 -27.17 42.06
N SER B 342 -14.32 -26.51 42.75
CA SER B 342 -13.82 -25.24 42.27
C SER B 342 -12.74 -25.50 41.24
N VAL B 343 -12.68 -24.66 40.21
CA VAL B 343 -11.66 -24.81 39.19
C VAL B 343 -10.28 -25.06 39.83
N VAL B 344 -9.86 -24.25 40.78
CA VAL B 344 -8.57 -24.53 41.38
C VAL B 344 -8.48 -25.94 42.03
N LEU B 345 -9.56 -26.44 42.64
CA LEU B 345 -9.47 -27.78 43.24
C LEU B 345 -9.23 -28.83 42.16
N LEU B 346 -9.78 -28.60 40.97
CA LEU B 346 -9.61 -29.51 39.86
C LEU B 346 -8.17 -29.47 39.38
N LEU B 347 -7.66 -28.26 39.22
CA LEU B 347 -6.29 -28.10 38.77
C LEU B 347 -5.31 -28.68 39.78
N ARG B 348 -5.69 -28.64 41.05
CA ARG B 348 -4.83 -29.14 42.10
C ARG B 348 -4.78 -30.65 41.99
N LEU B 349 -5.93 -31.26 41.68
CA LEU B 349 -6.04 -32.72 41.54
C LEU B 349 -5.28 -33.12 40.28
N ALA B 350 -5.47 -32.36 39.21
CA ALA B 350 -4.78 -32.63 37.98
C ALA B 350 -3.27 -32.64 38.23
N LYS B 351 -2.78 -31.72 39.05
CA LYS B 351 -1.34 -31.68 39.29
C LYS B 351 -0.87 -32.89 40.09
N THR B 352 -1.65 -33.30 41.08
CA THR B 352 -1.30 -34.46 41.92
C THR B 352 -1.13 -35.72 41.08
N TYR B 353 -2.06 -35.90 40.15
CA TYR B 353 -2.06 -37.05 39.25
C TYR B 353 -0.78 -37.08 38.45
N GLU B 354 -0.47 -35.96 37.81
CA GLU B 354 0.76 -35.84 37.02
C GLU B 354 2.01 -36.20 37.84
N THR B 355 2.18 -35.55 38.99
CA THR B 355 3.33 -35.83 39.86
C THR B 355 3.43 -37.35 40.05
N THR B 356 2.33 -37.96 40.43
CA THR B 356 2.30 -39.39 40.65
C THR B 356 2.73 -40.21 39.42
N LEU B 357 2.21 -39.87 38.24
CA LEU B 357 2.60 -40.62 37.04
C LEU B 357 4.07 -40.41 36.78
N GLU B 358 4.54 -39.20 37.04
CA GLU B 358 5.95 -38.88 36.80
C GLU B 358 6.85 -39.82 37.57
N LYS B 359 6.55 -39.98 38.85
CA LYS B 359 7.32 -40.86 39.71
C LYS B 359 7.01 -42.33 39.43
N CYS B 360 5.74 -42.67 39.47
CA CYS B 360 5.27 -44.04 39.24
C CYS B 360 5.64 -44.72 37.94
N CYS B 361 5.69 -43.97 36.85
CA CYS B 361 6.03 -44.57 35.57
C CYS B 361 7.50 -44.87 35.47
N ALA B 362 8.28 -44.25 36.35
CA ALA B 362 9.72 -44.44 36.35
C ALA B 362 10.08 -45.66 37.18
N ALA B 363 9.15 -46.06 38.04
CA ALA B 363 9.34 -47.20 38.94
C ALA B 363 9.30 -48.53 38.22
N ALA B 364 9.33 -49.59 39.01
CA ALA B 364 9.29 -50.96 38.50
C ALA B 364 7.88 -51.27 38.00
N ASP B 365 6.99 -51.62 38.93
CA ASP B 365 5.61 -51.94 38.60
C ASP B 365 4.78 -50.68 38.69
N PRO B 366 4.53 -50.02 37.55
CA PRO B 366 3.73 -48.79 37.57
C PRO B 366 2.32 -49.01 38.12
N HIS B 367 1.60 -49.97 37.54
CA HIS B 367 0.25 -50.25 37.94
C HIS B 367 0.08 -50.32 39.46
N GLU B 368 1.07 -50.86 40.15
CA GLU B 368 0.99 -50.97 41.60
C GLU B 368 1.17 -49.59 42.20
N CYS B 369 2.23 -48.90 41.78
CA CYS B 369 2.56 -47.57 42.28
C CYS B 369 1.42 -46.55 42.18
N TYR B 370 0.91 -46.31 40.98
CA TYR B 370 -0.17 -45.34 40.82
C TYR B 370 -1.53 -45.99 40.99
N ALA B 371 -1.54 -47.13 41.67
CA ALA B 371 -2.78 -47.88 41.88
C ALA B 371 -3.80 -47.15 42.72
N LYS B 372 -3.34 -46.52 43.81
CA LYS B 372 -4.26 -45.82 44.69
C LYS B 372 -4.23 -44.28 44.58
N VAL B 373 -3.83 -43.77 43.42
CA VAL B 373 -3.74 -42.32 43.21
C VAL B 373 -4.95 -41.52 43.75
N PHE B 374 -6.16 -42.07 43.64
CA PHE B 374 -7.34 -41.36 44.12
C PHE B 374 -7.36 -41.21 45.64
N ASP B 375 -6.80 -42.18 46.34
CA ASP B 375 -6.79 -42.09 47.78
C ASP B 375 -6.14 -40.77 48.19
N GLU B 376 -5.25 -40.27 47.34
CA GLU B 376 -4.59 -39.00 47.60
C GLU B 376 -5.49 -37.82 47.32
N PHE B 377 -6.48 -38.03 46.47
CA PHE B 377 -7.44 -36.99 46.15
C PHE B 377 -8.27 -36.68 47.39
N LYS B 378 -8.62 -37.72 48.12
CA LYS B 378 -9.45 -37.61 49.31
C LYS B 378 -9.16 -36.36 50.18
N PRO B 379 -7.91 -36.18 50.61
CA PRO B 379 -7.62 -35.01 51.44
C PRO B 379 -7.87 -33.68 50.74
N LEU B 380 -7.21 -33.47 49.61
CA LEU B 380 -7.36 -32.23 48.87
C LEU B 380 -8.80 -31.77 48.67
N VAL B 381 -9.73 -32.72 48.52
CA VAL B 381 -11.14 -32.37 48.34
C VAL B 381 -11.80 -31.94 49.65
N GLU B 382 -11.37 -32.54 50.74
CA GLU B 382 -11.93 -32.24 52.05
C GLU B 382 -11.43 -30.94 52.66
N GLU B 383 -10.18 -30.58 52.43
CA GLU B 383 -9.65 -29.36 53.00
C GLU B 383 -10.52 -28.16 52.68
N PRO B 384 -10.87 -27.96 51.41
CA PRO B 384 -11.71 -26.82 51.07
C PRO B 384 -13.11 -26.95 51.67
N GLN B 385 -13.66 -28.14 51.62
CA GLN B 385 -15.00 -28.34 52.13
C GLN B 385 -15.20 -27.95 53.58
N ASN B 386 -14.33 -28.40 54.47
CA ASN B 386 -14.50 -28.08 55.89
C ASN B 386 -14.06 -26.69 56.25
N LEU B 387 -13.33 -26.06 55.33
CA LEU B 387 -12.84 -24.71 55.56
C LEU B 387 -13.94 -23.75 55.18
N ILE B 388 -14.62 -24.07 54.08
CA ILE B 388 -15.73 -23.24 53.65
C ILE B 388 -16.85 -23.36 54.71
N LYS B 389 -17.17 -24.59 55.09
CA LYS B 389 -18.22 -24.89 56.06
C LYS B 389 -18.10 -24.20 57.42
N GLN B 390 -16.88 -24.08 57.91
CA GLN B 390 -16.66 -23.43 59.19
C GLN B 390 -16.90 -21.93 58.97
N ASN B 391 -16.02 -21.31 58.19
CA ASN B 391 -16.09 -19.88 57.87
C ASN B 391 -17.42 -19.28 57.47
N CYS B 392 -18.33 -20.11 56.96
CA CYS B 392 -19.67 -19.66 56.59
C CYS B 392 -20.53 -19.67 57.82
N GLU B 393 -20.33 -20.69 58.65
CA GLU B 393 -21.08 -20.83 59.88
C GLU B 393 -20.69 -19.63 60.74
N LEU B 394 -19.40 -19.33 60.78
CA LEU B 394 -18.93 -18.18 61.55
C LEU B 394 -19.58 -16.89 61.01
N PHE B 395 -19.58 -16.74 59.68
CA PHE B 395 -20.17 -15.57 59.01
C PHE B 395 -21.62 -15.50 59.42
N GLU B 396 -22.35 -16.58 59.18
CA GLU B 396 -23.76 -16.65 59.52
C GLU B 396 -24.05 -16.14 60.94
N GLN B 397 -23.03 -16.00 61.77
CA GLN B 397 -23.29 -15.53 63.14
C GLN B 397 -22.80 -14.12 63.52
N LEU B 398 -21.72 -13.62 62.92
CA LEU B 398 -21.23 -12.27 63.26
C LEU B 398 -21.84 -11.19 62.39
N GLY B 399 -22.05 -11.51 61.13
CA GLY B 399 -22.59 -10.53 60.19
C GLY B 399 -21.46 -10.00 59.33
N GLU B 400 -21.75 -9.37 58.20
CA GLU B 400 -20.68 -8.89 57.36
C GLU B 400 -19.62 -8.09 58.07
N TYR B 401 -20.01 -7.02 58.76
CA TYR B 401 -19.04 -6.18 59.46
C TYR B 401 -18.13 -6.88 60.46
N LYS B 402 -18.70 -7.43 61.52
CA LYS B 402 -17.88 -8.12 62.53
C LYS B 402 -16.94 -9.15 61.91
N PHE B 403 -17.47 -9.94 60.97
CA PHE B 403 -16.66 -10.94 60.29
C PHE B 403 -15.48 -10.22 59.65
N GLN B 404 -15.75 -9.17 58.88
CA GLN B 404 -14.68 -8.39 58.26
C GLN B 404 -13.64 -7.95 59.30
N ASN B 405 -14.06 -7.59 60.50
CA ASN B 405 -13.07 -7.19 61.50
C ASN B 405 -12.22 -8.37 62.01
N ALA B 406 -12.77 -9.57 61.95
CA ALA B 406 -12.01 -10.74 62.38
C ALA B 406 -10.93 -11.04 61.34
N LEU B 407 -11.33 -11.08 60.07
CA LEU B 407 -10.36 -11.35 59.00
C LEU B 407 -9.29 -10.27 58.96
N LEU B 408 -9.63 -9.05 59.40
CA LEU B 408 -8.67 -7.93 59.45
C LEU B 408 -7.57 -8.21 60.47
N VAL B 409 -7.98 -8.68 61.65
CA VAL B 409 -7.09 -9.03 62.75
C VAL B 409 -6.24 -10.25 62.35
N ARG B 410 -6.88 -11.29 61.82
CA ARG B 410 -6.15 -12.48 61.39
C ARG B 410 -5.09 -12.16 60.31
N TYR B 411 -5.48 -11.43 59.27
CA TYR B 411 -4.54 -11.13 58.20
C TYR B 411 -3.42 -10.17 58.59
N THR B 412 -3.73 -9.17 59.41
CA THR B 412 -2.69 -8.21 59.82
C THR B 412 -1.62 -8.98 60.61
N LYS B 413 -2.06 -9.94 61.41
CA LYS B 413 -1.13 -10.75 62.16
C LYS B 413 -0.30 -11.62 61.21
N LYS B 414 -0.96 -12.25 60.24
CA LYS B 414 -0.25 -13.08 59.27
C LYS B 414 0.86 -12.30 58.55
N VAL B 415 0.51 -11.16 57.93
CA VAL B 415 1.48 -10.34 57.21
C VAL B 415 1.47 -8.85 57.64
N PRO B 416 2.01 -8.56 58.85
CA PRO B 416 2.10 -7.24 59.49
C PRO B 416 2.72 -6.13 58.65
N GLN B 417 3.71 -6.46 57.82
CA GLN B 417 4.36 -5.47 56.97
C GLN B 417 3.40 -4.76 56.00
N VAL B 418 2.44 -5.49 55.43
CA VAL B 418 1.53 -4.91 54.45
C VAL B 418 0.91 -3.58 54.88
N SER B 419 0.85 -2.64 53.94
CA SER B 419 0.30 -1.32 54.22
C SER B 419 -1.14 -1.41 54.71
N THR B 420 -1.46 -0.59 55.71
CA THR B 420 -2.80 -0.56 56.27
C THR B 420 -3.92 -0.38 55.23
N PRO B 421 -3.72 0.48 54.23
CA PRO B 421 -4.81 0.62 53.25
C PRO B 421 -5.08 -0.69 52.51
N THR B 422 -4.00 -1.37 52.12
CA THR B 422 -4.12 -2.62 51.38
C THR B 422 -4.79 -3.65 52.26
N LEU B 423 -4.32 -3.76 53.49
CA LEU B 423 -4.94 -4.72 54.37
C LEU B 423 -6.44 -4.43 54.46
N VAL B 424 -6.77 -3.18 54.76
CA VAL B 424 -8.16 -2.77 54.90
C VAL B 424 -9.01 -3.16 53.68
N GLU B 425 -8.55 -2.86 52.46
CA GLU B 425 -9.36 -3.24 51.31
C GLU B 425 -9.52 -4.76 51.18
N VAL B 426 -8.39 -5.44 51.00
CA VAL B 426 -8.37 -6.90 50.87
C VAL B 426 -9.23 -7.57 51.94
N SER B 427 -9.12 -7.11 53.20
CA SER B 427 -9.93 -7.73 54.24
C SER B 427 -11.43 -7.50 54.10
N ARG B 428 -11.84 -6.34 53.61
CA ARG B 428 -13.26 -6.07 53.42
C ARG B 428 -13.74 -6.98 52.30
N ASN B 429 -12.98 -7.08 51.22
CA ASN B 429 -13.36 -7.95 50.09
C ASN B 429 -13.43 -9.41 50.51
N LEU B 430 -12.38 -9.90 51.16
CA LEU B 430 -12.37 -11.27 51.61
C LEU B 430 -13.66 -11.44 52.39
N GLY B 431 -14.02 -10.41 53.14
CA GLY B 431 -15.25 -10.44 53.95
C GLY B 431 -16.51 -10.62 53.14
N LYS B 432 -16.55 -10.04 51.95
CA LYS B 432 -17.72 -10.13 51.11
C LYS B 432 -18.03 -11.52 50.58
N VAL B 433 -17.02 -12.39 50.54
CA VAL B 433 -17.24 -13.75 50.05
C VAL B 433 -18.38 -14.35 50.88
N GLY B 434 -18.30 -14.16 52.19
CA GLY B 434 -19.33 -14.71 53.08
C GLY B 434 -20.72 -14.40 52.54
N SER B 435 -20.94 -13.11 52.27
CA SER B 435 -22.21 -12.62 51.80
C SER B 435 -22.62 -13.19 50.45
N LYS B 436 -21.65 -13.32 49.54
CA LYS B 436 -21.94 -13.81 48.20
C LYS B 436 -22.04 -15.34 48.07
N CYS B 437 -21.45 -16.08 48.99
CA CYS B 437 -21.49 -17.53 48.86
C CYS B 437 -22.20 -18.32 49.93
N CYS B 438 -22.06 -17.92 51.18
CA CYS B 438 -22.68 -18.73 52.22
C CYS B 438 -24.18 -19.04 51.99
N LYS B 439 -24.86 -18.18 51.25
CA LYS B 439 -26.28 -18.39 50.96
C LYS B 439 -26.46 -19.74 50.27
N HIS B 440 -25.69 -19.97 49.22
CA HIS B 440 -25.77 -21.22 48.46
C HIS B 440 -25.79 -22.48 49.31
N PRO B 441 -26.36 -23.57 48.78
CA PRO B 441 -26.45 -24.84 49.49
C PRO B 441 -25.12 -25.55 49.35
N GLU B 442 -24.77 -26.36 50.34
CA GLU B 442 -23.52 -27.11 50.35
C GLU B 442 -22.93 -27.40 48.95
N ALA B 443 -23.78 -27.86 48.06
CA ALA B 443 -23.41 -28.20 46.69
C ALA B 443 -22.79 -27.14 45.77
N LYS B 444 -22.94 -25.86 46.10
CA LYS B 444 -22.40 -24.78 45.25
C LYS B 444 -21.44 -23.83 45.96
N ARG B 445 -21.29 -24.04 47.26
CA ARG B 445 -20.43 -23.19 48.07
C ARG B 445 -18.98 -23.18 47.63
N MET B 446 -18.46 -24.35 47.28
CA MET B 446 -17.07 -24.48 46.86
C MET B 446 -16.62 -23.64 45.63
N PRO B 447 -17.32 -23.79 44.50
CA PRO B 447 -16.93 -23.01 43.32
C PRO B 447 -17.00 -21.53 43.61
N CYS B 448 -18.14 -21.05 44.14
CA CYS B 448 -18.33 -19.64 44.48
C CYS B 448 -17.19 -19.14 45.37
N ALA B 449 -16.99 -19.86 46.46
CA ALA B 449 -15.99 -19.53 47.48
C ALA B 449 -14.58 -19.53 47.01
N GLU B 450 -14.03 -20.72 46.74
CA GLU B 450 -12.63 -20.78 46.33
C GLU B 450 -12.23 -20.00 45.09
N ASP B 451 -13.09 -19.95 44.10
CA ASP B 451 -12.74 -19.21 42.92
C ASP B 451 -12.80 -17.69 43.18
N TYR B 452 -13.64 -17.25 44.11
CA TYR B 452 -13.71 -15.82 44.41
C TYR B 452 -12.53 -15.42 45.31
N LEU B 453 -12.10 -16.30 46.21
CA LEU B 453 -10.95 -16.02 47.06
C LEU B 453 -9.70 -15.91 46.17
N SER B 454 -9.75 -16.65 45.07
CA SER B 454 -8.68 -16.67 44.12
C SER B 454 -8.46 -15.25 43.56
N VAL B 455 -9.57 -14.59 43.26
CA VAL B 455 -9.60 -13.22 42.75
C VAL B 455 -9.05 -12.22 43.77
N VAL B 456 -9.64 -12.18 44.96
CA VAL B 456 -9.17 -11.26 46.00
C VAL B 456 -7.70 -11.42 46.33
N LEU B 457 -7.28 -12.64 46.65
CA LEU B 457 -5.89 -12.81 46.99
C LEU B 457 -5.02 -12.32 45.86
N ASN B 458 -5.48 -12.47 44.62
CA ASN B 458 -4.69 -12.01 43.48
C ASN B 458 -4.67 -10.50 43.51
N GLN B 459 -5.65 -9.88 44.15
CA GLN B 459 -5.71 -8.44 44.23
C GLN B 459 -4.64 -7.98 45.21
N LEU B 460 -4.54 -8.71 46.33
CA LEU B 460 -3.55 -8.46 47.36
C LEU B 460 -2.13 -8.70 46.80
N CYS B 461 -1.98 -9.68 45.92
CA CYS B 461 -0.67 -9.94 45.32
C CYS B 461 -0.24 -8.81 44.40
N VAL B 462 -1.07 -8.50 43.40
CA VAL B 462 -0.69 -7.43 42.47
C VAL B 462 -0.42 -6.12 43.20
N LEU B 463 -1.32 -5.67 44.07
CA LEU B 463 -1.04 -4.43 44.78
C LEU B 463 0.31 -4.55 45.48
N HIS B 464 0.63 -5.74 46.01
CA HIS B 464 1.90 -5.93 46.71
C HIS B 464 3.10 -5.86 45.76
N GLU B 465 3.05 -6.58 44.64
CA GLU B 465 4.17 -6.56 43.68
C GLU B 465 4.70 -5.12 43.41
N LYS B 466 3.84 -4.11 43.61
CA LYS B 466 4.27 -2.73 43.40
C LYS B 466 5.44 -2.44 44.34
N THR B 467 5.16 -2.45 45.63
CA THR B 467 6.17 -2.20 46.64
C THR B 467 6.26 -3.38 47.58
N PRO B 468 7.08 -4.37 47.24
CA PRO B 468 7.27 -5.57 48.05
C PRO B 468 7.65 -5.21 49.46
N VAL B 469 7.05 -5.84 50.46
CA VAL B 469 7.48 -5.47 51.80
C VAL B 469 7.47 -6.69 52.69
N SER B 470 6.75 -7.72 52.26
CA SER B 470 6.67 -8.98 53.00
C SER B 470 7.08 -10.21 52.19
N ASP B 471 8.22 -10.79 52.53
CA ASP B 471 8.71 -11.99 51.86
C ASP B 471 7.60 -13.05 51.90
N ARG B 472 6.84 -13.08 52.99
CA ARG B 472 5.79 -14.05 53.16
C ARG B 472 4.69 -13.88 52.12
N VAL B 473 4.43 -12.65 51.71
CA VAL B 473 3.42 -12.42 50.69
C VAL B 473 4.03 -12.84 49.34
N THR B 474 5.27 -12.44 49.11
CA THR B 474 5.95 -12.78 47.87
C THR B 474 6.00 -14.29 47.64
N LYS B 475 6.36 -15.05 48.66
CA LYS B 475 6.43 -16.49 48.50
C LYS B 475 5.06 -17.05 48.06
N CYS B 476 4.05 -16.87 48.89
CA CYS B 476 2.69 -17.34 48.62
C CYS B 476 2.04 -16.88 47.34
N CYS B 477 2.55 -15.81 46.74
CA CYS B 477 2.00 -15.25 45.51
C CYS B 477 2.64 -15.78 44.24
N THR B 478 3.95 -16.04 44.26
CA THR B 478 4.64 -16.49 43.05
C THR B 478 4.94 -17.98 42.97
N GLU B 479 4.97 -18.62 44.14
CA GLU B 479 5.26 -20.05 44.22
C GLU B 479 4.31 -20.88 43.37
N SER B 480 3.04 -20.59 43.51
CA SER B 480 2.07 -21.36 42.77
C SER B 480 0.78 -20.60 42.62
N LEU B 481 0.23 -20.61 41.41
CA LEU B 481 -1.02 -19.92 41.16
C LEU B 481 -2.13 -20.67 41.91
N VAL B 482 -2.30 -21.92 41.52
CA VAL B 482 -3.30 -22.80 42.10
C VAL B 482 -3.28 -22.98 43.62
N ASN B 483 -2.13 -22.76 44.27
CA ASN B 483 -2.09 -22.99 45.71
C ASN B 483 -2.06 -21.75 46.57
N ARG B 484 -2.26 -20.58 46.00
CA ARG B 484 -2.22 -19.35 46.79
C ARG B 484 -3.06 -19.36 48.06
N ARG B 485 -4.33 -19.73 47.92
CA ARG B 485 -5.22 -19.73 49.06
C ARG B 485 -4.73 -20.68 50.14
N PRO B 486 -4.33 -21.89 49.78
CA PRO B 486 -3.88 -22.75 50.89
C PRO B 486 -2.61 -22.24 51.56
N CYS B 487 -1.82 -21.52 50.80
CA CYS B 487 -0.57 -20.97 51.29
C CYS B 487 -0.83 -19.92 52.40
N PHE B 488 -1.68 -18.94 52.05
CA PHE B 488 -2.05 -17.87 52.95
C PHE B 488 -2.72 -18.42 54.20
N SER B 489 -3.53 -19.47 54.05
CA SER B 489 -4.21 -20.06 55.20
C SER B 489 -3.23 -20.66 56.19
N ALA B 490 -2.12 -21.16 55.68
CA ALA B 490 -1.12 -21.78 56.53
C ALA B 490 -0.51 -20.79 57.51
N LEU B 491 -0.33 -19.56 57.07
CA LEU B 491 0.25 -18.52 57.90
C LEU B 491 -0.61 -18.26 59.12
N GLU B 492 0.04 -17.95 60.24
CA GLU B 492 -0.65 -17.67 61.50
C GLU B 492 -0.21 -16.32 62.02
N VAL B 493 0.98 -16.27 62.64
CA VAL B 493 1.55 -15.03 63.16
C VAL B 493 3.01 -14.89 62.71
N ASP B 494 3.36 -13.73 62.17
CA ASP B 494 4.74 -13.52 61.78
C ASP B 494 5.53 -13.29 63.08
N GLU B 495 6.27 -14.29 63.50
CA GLU B 495 7.05 -14.18 64.73
C GLU B 495 8.33 -13.37 64.64
N THR B 496 8.70 -12.87 63.47
CA THR B 496 9.94 -12.10 63.37
C THR B 496 9.67 -10.59 63.30
N TYR B 497 8.39 -10.24 63.23
CA TYR B 497 7.92 -8.86 63.17
C TYR B 497 8.07 -8.08 64.46
N VAL B 498 8.87 -7.01 64.44
CA VAL B 498 9.06 -6.16 65.64
C VAL B 498 7.96 -5.10 65.65
N PRO B 499 7.19 -5.03 66.75
CA PRO B 499 6.12 -4.03 66.82
C PRO B 499 6.66 -2.63 66.65
N LYS B 500 5.84 -1.75 66.09
CA LYS B 500 6.23 -0.35 65.87
C LYS B 500 5.77 0.48 67.05
N GLU B 501 6.44 1.60 67.29
CA GLU B 501 6.08 2.48 68.40
C GLU B 501 4.93 3.40 67.96
N PHE B 502 4.03 3.72 68.90
CA PHE B 502 2.86 4.57 68.64
C PHE B 502 3.09 5.94 67.99
N ASN B 503 2.15 6.36 67.16
CA ASN B 503 2.21 7.65 66.46
C ASN B 503 0.94 8.41 66.78
N ALA B 504 1.08 9.52 67.49
CA ALA B 504 -0.07 10.34 67.87
C ALA B 504 -1.06 10.44 66.71
N GLU B 505 -0.61 11.10 65.64
CA GLU B 505 -1.40 11.33 64.43
C GLU B 505 -2.26 10.13 64.00
N THR B 506 -1.77 8.93 64.25
CA THR B 506 -2.46 7.70 63.87
C THR B 506 -3.69 7.36 64.72
N PHE B 507 -3.77 7.91 65.93
CA PHE B 507 -4.92 7.64 66.78
C PHE B 507 -5.78 8.86 67.10
N THR B 508 -5.56 9.95 66.37
CA THR B 508 -6.32 11.18 66.56
C THR B 508 -7.58 11.21 65.70
N PHE B 509 -8.73 11.07 66.34
CA PHE B 509 -10.03 11.10 65.64
C PHE B 509 -10.60 12.51 65.77
N HIS B 510 -10.98 13.11 64.64
CA HIS B 510 -11.53 14.47 64.63
C HIS B 510 -13.04 14.52 64.41
N ALA B 511 -13.59 15.74 64.31
CA ALA B 511 -15.02 15.89 64.09
C ALA B 511 -15.35 15.53 62.63
N ASP B 512 -14.32 15.38 61.82
CA ASP B 512 -14.47 15.02 60.42
C ASP B 512 -15.18 13.67 60.31
N ILE B 513 -15.10 12.87 61.37
CA ILE B 513 -15.74 11.55 61.38
C ILE B 513 -17.25 11.61 61.53
N CYS B 514 -17.81 12.82 61.57
CA CYS B 514 -19.26 12.97 61.73
C CYS B 514 -19.97 13.37 60.45
N THR B 515 -19.21 13.75 59.43
CA THR B 515 -19.79 14.16 58.16
C THR B 515 -19.75 13.05 57.13
N LEU B 516 -19.06 11.96 57.45
CA LEU B 516 -18.93 10.83 56.52
C LEU B 516 -19.94 9.72 56.75
N SER B 517 -20.35 9.11 55.65
CA SER B 517 -21.31 8.02 55.64
C SER B 517 -21.03 6.97 56.71
N GLU B 518 -22.07 6.24 57.09
CA GLU B 518 -21.95 5.19 58.10
C GLU B 518 -20.92 4.17 57.64
N LYS B 519 -20.76 4.07 56.33
CA LYS B 519 -19.81 3.13 55.76
C LYS B 519 -18.38 3.67 55.89
N GLU B 520 -18.16 4.87 55.34
CA GLU B 520 -16.85 5.52 55.36
C GLU B 520 -16.35 5.70 56.78
N ARG B 521 -17.25 5.57 57.74
CA ARG B 521 -16.88 5.71 59.15
C ARG B 521 -16.31 4.41 59.71
N GLN B 522 -16.87 3.28 59.28
CA GLN B 522 -16.39 1.99 59.74
C GLN B 522 -14.99 1.81 59.16
N ILE B 523 -14.82 2.22 57.90
CA ILE B 523 -13.54 2.14 57.23
C ILE B 523 -12.50 2.96 57.97
N LYS B 524 -12.95 3.73 58.95
CA LYS B 524 -12.08 4.54 59.79
C LYS B 524 -11.77 3.69 61.01
N LYS B 525 -12.82 3.20 61.65
CA LYS B 525 -12.65 2.36 62.81
C LYS B 525 -11.84 1.12 62.45
N GLN B 526 -12.03 0.60 61.24
CA GLN B 526 -11.29 -0.57 60.80
C GLN B 526 -9.84 -0.16 60.64
N THR B 527 -9.60 0.89 59.86
CA THR B 527 -8.25 1.38 59.63
C THR B 527 -7.48 1.56 60.93
N ALA B 528 -8.21 1.83 62.00
CA ALA B 528 -7.58 2.02 63.30
C ALA B 528 -7.14 0.67 63.88
N LEU B 529 -8.03 -0.31 63.77
CA LEU B 529 -7.78 -1.66 64.27
C LEU B 529 -6.52 -2.27 63.68
N VAL B 530 -6.25 -1.98 62.42
CA VAL B 530 -5.08 -2.49 61.75
C VAL B 530 -3.87 -1.96 62.50
N GLU B 531 -3.90 -0.65 62.73
CA GLU B 531 -2.84 0.07 63.45
C GLU B 531 -2.68 -0.44 64.88
N LEU B 532 -3.78 -0.79 65.52
CA LEU B 532 -3.72 -1.31 66.87
C LEU B 532 -2.98 -2.66 66.82
N VAL B 533 -3.40 -3.56 65.93
CA VAL B 533 -2.74 -4.86 65.88
C VAL B 533 -1.27 -4.73 65.48
N LYS B 534 -0.97 -3.86 64.52
CA LYS B 534 0.41 -3.70 64.11
C LYS B 534 1.26 -3.32 65.32
N HIS B 535 0.68 -2.53 66.23
CA HIS B 535 1.41 -2.11 67.42
C HIS B 535 1.61 -3.26 68.40
N LYS B 536 0.52 -3.85 68.88
CA LYS B 536 0.62 -4.96 69.82
C LYS B 536 0.07 -6.26 69.18
N PRO B 537 0.84 -6.88 68.27
CA PRO B 537 0.46 -8.11 67.58
C PRO B 537 0.03 -9.26 68.49
N LYS B 538 0.89 -9.59 69.44
CA LYS B 538 0.64 -10.69 70.36
C LYS B 538 -0.62 -10.52 71.21
N ALA B 539 -1.27 -9.36 71.08
CA ALA B 539 -2.51 -9.10 71.83
C ALA B 539 -3.53 -10.17 71.48
N THR B 540 -4.42 -10.46 72.40
CA THR B 540 -5.43 -11.48 72.14
C THR B 540 -6.64 -10.93 71.38
N LYS B 541 -7.37 -11.83 70.74
CA LYS B 541 -8.55 -11.47 69.96
C LYS B 541 -9.63 -10.91 70.87
N GLU B 542 -9.74 -11.47 72.07
CA GLU B 542 -10.73 -11.01 73.03
C GLU B 542 -10.41 -9.59 73.45
N GLN B 543 -9.25 -9.42 74.07
CA GLN B 543 -8.78 -8.12 74.53
C GLN B 543 -8.84 -7.06 73.42
N LEU B 544 -8.67 -7.49 72.18
CA LEU B 544 -8.69 -6.57 71.05
C LEU B 544 -10.09 -5.96 70.93
N LYS B 545 -11.12 -6.80 71.05
CA LYS B 545 -12.49 -6.34 70.96
C LYS B 545 -12.80 -5.49 72.19
N ALA B 546 -12.04 -5.75 73.26
CA ALA B 546 -12.21 -5.03 74.53
C ALA B 546 -12.04 -3.53 74.33
N VAL B 547 -11.07 -3.16 73.51
CA VAL B 547 -10.82 -1.75 73.25
C VAL B 547 -11.62 -1.34 72.02
N MET B 548 -11.87 -2.29 71.14
CA MET B 548 -12.63 -2.00 69.93
C MET B 548 -14.03 -1.53 70.28
N ASP B 549 -14.68 -2.31 71.14
CA ASP B 549 -16.03 -2.01 71.58
C ASP B 549 -15.99 -0.67 72.29
N ASP B 550 -14.87 -0.40 72.94
CA ASP B 550 -14.66 0.86 73.65
C ASP B 550 -14.39 1.98 72.65
N PHE B 551 -14.02 1.60 71.44
CA PHE B 551 -13.74 2.57 70.38
C PHE B 551 -15.06 3.07 69.86
N ALA B 552 -16.07 2.22 69.93
CA ALA B 552 -17.41 2.56 69.46
C ALA B 552 -17.93 3.69 70.31
N ALA B 553 -17.74 3.56 71.63
CA ALA B 553 -18.18 4.58 72.57
C ALA B 553 -17.39 5.85 72.30
N PHE B 554 -16.12 5.68 71.97
CA PHE B 554 -15.23 6.80 71.71
C PHE B 554 -15.72 7.69 70.56
N VAL B 555 -16.53 7.14 69.66
CA VAL B 555 -17.03 7.91 68.52
C VAL B 555 -18.43 8.43 68.77
N GLU B 556 -19.12 7.82 69.74
CA GLU B 556 -20.47 8.21 70.09
C GLU B 556 -20.50 9.29 71.16
N LYS B 557 -19.71 10.35 70.96
CA LYS B 557 -19.67 11.42 71.95
C LYS B 557 -19.29 12.79 71.38
N CYS B 558 -18.14 12.90 70.70
CA CYS B 558 -17.74 14.18 70.13
C CYS B 558 -18.68 14.67 69.03
N CYS B 559 -19.14 13.74 68.20
CA CYS B 559 -20.05 14.10 67.12
C CYS B 559 -21.29 14.82 67.64
N LYS B 560 -21.47 14.79 68.96
CA LYS B 560 -22.60 15.44 69.61
C LYS B 560 -22.15 16.11 70.91
N ALA B 561 -21.37 17.18 70.78
CA ALA B 561 -20.89 17.90 71.96
C ALA B 561 -21.12 19.42 71.85
N ASP B 562 -21.62 19.86 70.69
CA ASP B 562 -21.89 21.28 70.46
C ASP B 562 -20.69 22.13 70.86
N ASP B 563 -19.49 21.64 70.56
CA ASP B 563 -18.24 22.34 70.87
C ASP B 563 -17.62 22.89 69.60
N LYS B 564 -16.92 24.02 69.73
CA LYS B 564 -16.26 24.64 68.57
C LYS B 564 -15.38 23.63 67.84
N GLU B 565 -14.70 22.80 68.63
CA GLU B 565 -13.80 21.75 68.13
C GLU B 565 -13.16 21.05 69.32
N THR B 566 -13.22 21.72 70.47
CA THR B 566 -12.66 21.24 71.74
C THR B 566 -12.72 19.73 71.93
N CYS B 567 -13.93 19.17 71.99
CA CYS B 567 -14.13 17.74 72.19
C CYS B 567 -13.10 16.90 71.44
N PHE B 568 -12.94 17.20 70.15
CA PHE B 568 -12.00 16.51 69.28
C PHE B 568 -10.69 16.11 69.99
N ALA B 569 -10.05 17.08 70.62
CA ALA B 569 -8.80 16.84 71.34
C ALA B 569 -9.03 16.46 72.81
N GLU B 570 -10.16 16.90 73.36
CA GLU B 570 -10.50 16.62 74.75
C GLU B 570 -10.91 15.16 74.92
N GLU B 571 -11.97 14.79 74.22
CA GLU B 571 -12.48 13.42 74.29
C GLU B 571 -11.43 12.42 73.85
N GLY B 572 -10.52 12.85 72.99
CA GLY B 572 -9.47 11.97 72.52
C GLY B 572 -8.50 11.64 73.64
N LYS B 573 -8.51 12.45 74.68
CA LYS B 573 -7.64 12.27 75.83
C LYS B 573 -8.07 11.05 76.65
N LYS B 574 -9.37 10.82 76.72
CA LYS B 574 -9.90 9.68 77.45
C LYS B 574 -9.59 8.41 76.66
N LEU B 575 -9.57 8.55 75.33
CA LEU B 575 -9.30 7.43 74.43
C LEU B 575 -7.84 6.95 74.48
N VAL B 576 -6.91 7.87 74.21
CA VAL B 576 -5.48 7.55 74.21
C VAL B 576 -5.06 6.97 75.55
N ALA B 577 -5.59 7.54 76.63
CA ALA B 577 -5.27 7.08 77.98
C ALA B 577 -5.65 5.62 78.14
N ALA B 578 -6.86 5.27 77.71
CA ALA B 578 -7.36 3.90 77.78
C ALA B 578 -6.63 3.09 76.73
N SER B 579 -6.23 3.78 75.66
CA SER B 579 -5.51 3.15 74.56
C SER B 579 -4.11 2.72 74.99
N GLN B 580 -3.43 3.60 75.72
CA GLN B 580 -2.07 3.30 76.19
C GLN B 580 -2.11 2.22 77.27
N ALA B 581 -3.28 2.01 77.87
CA ALA B 581 -3.46 1.02 78.91
C ALA B 581 -3.44 -0.41 78.36
N ALA B 582 -4.42 -0.71 77.51
CA ALA B 582 -4.51 -2.02 76.90
C ALA B 582 -3.18 -2.45 76.28
N 9DS C . -2.68 18.62 -48.19
CA 9DS C . -2.60 19.77 -49.04
C 9DS C . -2.70 19.27 -50.47
O 9DS C . -2.94 18.09 -50.70
OXT 9DS C . -2.45 20.20 -51.38
C6 9DS C . -4.02 18.06 -47.85
S8 9DS C . -1.40 18.18 -47.28
O9 9DS C . -0.90 16.91 -47.73
O10 9DS C . -0.48 19.28 -47.26
C11 9DS C . -1.95 18.00 -45.58
C12 9DS C . -2.26 16.71 -45.15
C13 9DS C . -2.71 16.46 -43.83
C14 9DS C . -2.87 17.48 -42.92
C15 9DS C . -2.57 18.85 -43.29
C16 9DS C . -2.08 19.15 -44.68
C17 9DS C . -1.79 20.51 -45.03
C18 9DS C . -1.94 21.53 -44.13
C19 9DS C . -2.40 21.27 -42.78
C20 9DS C . -2.71 19.97 -42.34
N21 9DS C . -3.19 19.67 -40.98
C23 9DS C . -4.65 19.87 -40.82
C22 9DS C . -2.52 20.49 -39.95
N 9DS D . -9.38 -17.39 55.76
CA 9DS D . -8.50 -18.44 56.23
C 9DS D . -7.17 -17.80 56.56
O 9DS D . -6.16 -18.14 55.97
OXT 9DS D . -7.25 -16.87 57.48
C6 9DS D . -10.30 -16.73 56.72
S8 9DS D . -9.62 -17.23 54.16
O9 9DS D . -8.84 -16.13 53.73
O10 9DS D . -9.40 -18.47 53.53
C11 9DS D . -11.36 -16.86 53.88
C12 9DS D . -11.69 -15.49 53.84
C13 9DS D . -13.02 -15.07 53.63
C14 9DS D . -14.04 -15.99 53.44
C15 9DS D . -13.77 -17.40 53.49
C16 9DS D . -12.38 -17.88 53.66
C17 9DS D . -12.14 -19.31 53.70
C18 9DS D . -13.18 -20.21 53.50
C19 9DS D . -14.54 -19.74 53.30
C20 9DS D . -14.84 -18.37 53.27
N21 9DS D . -16.20 -17.87 53.08
C23 9DS D . -17.04 -17.95 54.27
C22 9DS D . -16.95 -18.59 52.03
#